data_2EOP
#
_entry.id   2EOP
#
loop_
_entity.id
_entity.type
_entity.pdbx_description
1 polymer 'Zinc finger protein 268'
2 non-polymer 'ZINC ION'
#
_entity_poly.entity_id   1
_entity_poly.type   'polypeptide(L)'
_entity_poly.pdbx_seq_one_letter_code
;GSSGSSGTGEKPHECRECGKSFSFNSQLIVHQRIHTGENPSGPSSG
;
_entity_poly.pdbx_strand_id   A
#
loop_
_chem_comp.id
_chem_comp.type
_chem_comp.name
_chem_comp.formula
ZN non-polymer 'ZINC ION' 'Zn 2'
#
# COMPACT_ATOMS: atom_id res chain seq x y z
N GLY A 1 -4.66 17.80 9.77
CA GLY A 1 -4.74 16.36 9.75
C GLY A 1 -5.13 15.81 8.39
N SER A 2 -4.45 14.76 7.95
CA SER A 2 -4.73 14.15 6.66
C SER A 2 -6.23 13.91 6.49
N SER A 3 -6.65 13.65 5.26
CA SER A 3 -8.05 13.40 4.96
C SER A 3 -8.21 12.12 4.14
N GLY A 4 -9.45 11.67 4.00
CA GLY A 4 -9.72 10.46 3.25
C GLY A 4 -10.57 10.72 2.01
N SER A 5 -10.14 10.15 0.89
CA SER A 5 -10.86 10.34 -0.38
C SER A 5 -10.94 9.03 -1.16
N SER A 6 -11.67 9.04 -2.26
CA SER A 6 -11.83 7.85 -3.09
C SER A 6 -11.20 8.07 -4.46
N GLY A 7 -10.91 6.97 -5.15
CA GLY A 7 -10.31 7.06 -6.47
C GLY A 7 -8.94 7.70 -6.44
N THR A 8 -7.91 6.87 -6.35
CA THR A 8 -6.53 7.36 -6.31
C THR A 8 -5.84 7.16 -7.65
N GLY A 9 -6.04 5.98 -8.25
CA GLY A 9 -5.43 5.68 -9.53
C GLY A 9 -5.20 4.19 -9.73
N GLU A 10 -5.24 3.76 -10.98
CA GLU A 10 -5.04 2.35 -11.31
C GLU A 10 -3.59 2.09 -11.73
N LYS A 11 -2.95 1.16 -11.04
CA LYS A 11 -1.56 0.80 -11.34
C LYS A 11 -1.39 -0.71 -11.41
N PRO A 12 -0.38 -1.15 -12.18
CA PRO A 12 -0.08 -2.58 -12.34
C PRO A 12 0.49 -3.20 -11.08
N HIS A 13 0.52 -2.41 -10.00
CA HIS A 13 1.05 -2.89 -8.72
C HIS A 13 0.30 -2.25 -7.56
N GLU A 14 -0.57 -3.01 -6.92
CA GLU A 14 -1.35 -2.51 -5.80
C GLU A 14 -0.85 -3.11 -4.48
N CYS A 15 -0.95 -2.34 -3.41
CA CYS A 15 -0.51 -2.79 -2.10
C CYS A 15 -1.66 -3.42 -1.31
N ARG A 16 -1.76 -4.74 -1.37
CA ARG A 16 -2.81 -5.46 -0.68
C ARG A 16 -2.78 -5.16 0.82
N GLU A 17 -1.70 -4.54 1.27
CA GLU A 17 -1.55 -4.19 2.68
C GLU A 17 -2.46 -3.03 3.06
N CYS A 18 -2.33 -1.92 2.34
CA CYS A 18 -3.15 -0.74 2.60
C CYS A 18 -4.09 -0.46 1.43
N GLY A 19 -3.58 -0.61 0.21
CA GLY A 19 -4.40 -0.38 -0.96
C GLY A 19 -3.76 0.62 -1.92
N LYS A 20 -2.49 0.96 -1.67
CA LYS A 20 -1.77 1.90 -2.51
C LYS A 20 -1.55 1.32 -3.91
N SER A 21 -1.01 2.15 -4.80
CA SER A 21 -0.74 1.71 -6.16
C SER A 21 0.53 2.37 -6.70
N PHE A 22 1.39 1.57 -7.32
CA PHE A 22 2.64 2.08 -7.88
C PHE A 22 2.79 1.65 -9.34
N SER A 23 3.00 2.63 -10.22
CA SER A 23 3.16 2.35 -11.64
C SER A 23 4.27 1.32 -11.87
N PHE A 24 5.21 1.26 -10.94
CA PHE A 24 6.32 0.31 -11.04
C PHE A 24 6.35 -0.62 -9.83
N ASN A 25 6.89 -1.82 -10.05
CA ASN A 25 6.98 -2.81 -8.97
C ASN A 25 7.99 -2.38 -7.92
N SER A 26 9.24 -2.20 -8.34
CA SER A 26 10.30 -1.79 -7.43
C SER A 26 9.78 -0.82 -6.37
N GLN A 27 8.86 0.06 -6.78
CA GLN A 27 8.28 1.03 -5.88
C GLN A 27 7.43 0.34 -4.81
N LEU A 28 6.36 -0.31 -5.24
CA LEU A 28 5.47 -1.01 -4.34
C LEU A 28 6.26 -1.84 -3.33
N ILE A 29 7.41 -2.34 -3.76
CA ILE A 29 8.27 -3.15 -2.89
C ILE A 29 8.90 -2.31 -1.80
N VAL A 30 9.37 -1.11 -2.16
CA VAL A 30 9.99 -0.20 -1.21
C VAL A 30 8.97 0.34 -0.21
N HIS A 31 7.70 0.37 -0.63
CA HIS A 31 6.62 0.85 0.23
C HIS A 31 6.17 -0.22 1.20
N GLN A 32 5.91 -1.41 0.67
CA GLN A 32 5.47 -2.54 1.50
C GLN A 32 6.40 -2.73 2.69
N ARG A 33 7.64 -2.28 2.55
CA ARG A 33 8.63 -2.41 3.62
C ARG A 33 8.19 -1.64 4.86
N ILE A 34 7.11 -0.87 4.72
CA ILE A 34 6.59 -0.08 5.84
C ILE A 34 5.62 -0.89 6.68
N HIS A 35 5.00 -1.89 6.07
CA HIS A 35 4.06 -2.75 6.77
C HIS A 35 4.79 -3.82 7.57
N THR A 36 5.60 -4.62 6.88
CA THR A 36 6.35 -5.69 7.54
C THR A 36 7.57 -5.13 8.28
N GLY A 37 8.09 -4.02 7.78
CA GLY A 37 9.26 -3.40 8.41
C GLY A 37 9.04 -3.14 9.89
N GLU A 38 7.92 -2.51 10.22
CA GLU A 38 7.61 -2.20 11.61
C GLU A 38 6.33 -2.91 12.05
N ASN A 39 5.96 -2.73 13.30
CA ASN A 39 4.76 -3.35 13.86
C ASN A 39 3.67 -2.31 14.09
N PRO A 40 3.01 -1.88 13.00
CA PRO A 40 1.94 -0.89 13.07
C PRO A 40 0.67 -1.45 13.72
N SER A 41 -0.43 -0.71 13.58
CA SER A 41 -1.70 -1.13 14.16
C SER A 41 -2.34 -2.24 13.33
N GLY A 42 -2.11 -3.48 13.76
CA GLY A 42 -2.67 -4.62 13.04
C GLY A 42 -2.50 -4.50 11.54
N PRO A 43 -1.31 -4.89 11.04
CA PRO A 43 -1.00 -4.83 9.61
C PRO A 43 -1.79 -5.86 8.80
N SER A 44 -1.76 -7.11 9.26
CA SER A 44 -2.46 -8.19 8.58
C SER A 44 -2.84 -9.29 9.55
N SER A 45 -3.78 -10.15 9.14
CA SER A 45 -4.24 -11.24 9.98
C SER A 45 -3.37 -12.49 9.77
N GLY A 46 -3.23 -12.89 8.51
CA GLY A 46 -2.43 -14.06 8.20
C GLY A 46 -1.51 -13.84 7.01
ZN ZN B . 0.88 -0.42 1.71
N GLY A 1 -17.91 6.05 9.72
CA GLY A 1 -16.47 5.89 9.75
C GLY A 1 -15.93 5.30 8.45
N SER A 2 -16.09 6.03 7.36
CA SER A 2 -15.62 5.56 6.06
C SER A 2 -14.67 6.57 5.43
N SER A 3 -13.40 6.17 5.28
CA SER A 3 -12.39 7.04 4.70
C SER A 3 -12.54 7.10 3.19
N GLY A 4 -12.60 5.94 2.56
CA GLY A 4 -12.75 5.89 1.11
C GLY A 4 -11.47 5.46 0.41
N SER A 5 -11.24 5.96 -0.79
CA SER A 5 -10.05 5.63 -1.56
C SER A 5 -9.66 6.77 -2.50
N SER A 6 -8.56 7.44 -2.15
CA SER A 6 -8.08 8.56 -2.95
C SER A 6 -7.41 8.06 -4.24
N GLY A 7 -7.70 8.74 -5.35
CA GLY A 7 -7.12 8.35 -6.62
C GLY A 7 -7.99 7.36 -7.37
N THR A 8 -8.51 7.79 -8.52
CA THR A 8 -9.36 6.92 -9.34
C THR A 8 -8.53 6.00 -10.22
N GLY A 9 -7.49 6.55 -10.84
CA GLY A 9 -6.63 5.76 -11.70
C GLY A 9 -6.20 4.46 -11.05
N GLU A 10 -5.50 3.62 -11.81
CA GLU A 10 -5.02 2.34 -11.30
C GLU A 10 -3.58 2.10 -11.70
N LYS A 11 -2.94 1.13 -11.04
CA LYS A 11 -1.55 0.80 -11.34
C LYS A 11 -1.36 -0.72 -11.40
N PRO A 12 -0.34 -1.15 -12.16
CA PRO A 12 -0.03 -2.57 -12.33
C PRO A 12 0.54 -3.19 -11.05
N HIS A 13 0.55 -2.40 -9.97
CA HIS A 13 1.06 -2.88 -8.69
C HIS A 13 0.30 -2.24 -7.53
N GLU A 14 -0.58 -3.01 -6.91
CA GLU A 14 -1.37 -2.52 -5.79
C GLU A 14 -0.88 -3.11 -4.47
N CYS A 15 -0.97 -2.32 -3.41
CA CYS A 15 -0.53 -2.77 -2.08
C CYS A 15 -1.69 -3.38 -1.30
N ARG A 16 -1.78 -4.72 -1.35
CA ARG A 16 -2.85 -5.43 -0.65
C ARG A 16 -2.81 -5.13 0.85
N GLU A 17 -1.72 -4.51 1.29
CA GLU A 17 -1.55 -4.18 2.70
C GLU A 17 -2.46 -3.01 3.10
N CYS A 18 -2.31 -1.89 2.40
CA CYS A 18 -3.12 -0.71 2.67
C CYS A 18 -4.08 -0.43 1.52
N GLY A 19 -3.58 -0.57 0.29
CA GLY A 19 -4.41 -0.33 -0.88
C GLY A 19 -3.79 0.67 -1.83
N LYS A 20 -2.50 0.95 -1.64
CA LYS A 20 -1.80 1.90 -2.49
C LYS A 20 -1.57 1.32 -3.88
N SER A 21 -1.01 2.13 -4.77
CA SER A 21 -0.74 1.71 -6.13
C SER A 21 0.52 2.37 -6.68
N PHE A 22 1.38 1.57 -7.29
CA PHE A 22 2.63 2.07 -7.86
C PHE A 22 2.78 1.64 -9.31
N SER A 23 3.01 2.63 -10.18
CA SER A 23 3.18 2.35 -11.61
C SER A 23 4.23 1.28 -11.85
N PHE A 24 5.24 1.25 -10.98
CA PHE A 24 6.32 0.27 -11.08
C PHE A 24 6.35 -0.65 -9.86
N ASN A 25 6.91 -1.84 -10.04
CA ASN A 25 7.00 -2.80 -8.96
C ASN A 25 8.02 -2.35 -7.91
N SER A 26 9.27 -2.19 -8.33
CA SER A 26 10.33 -1.77 -7.43
C SER A 26 9.80 -0.79 -6.39
N GLN A 27 8.89 0.08 -6.80
CA GLN A 27 8.30 1.07 -5.90
C GLN A 27 7.46 0.38 -4.84
N LEU A 28 6.36 -0.25 -5.26
CA LEU A 28 5.47 -0.94 -4.34
C LEU A 28 6.26 -1.78 -3.34
N ILE A 29 7.41 -2.29 -3.77
CA ILE A 29 8.25 -3.10 -2.91
C ILE A 29 8.89 -2.26 -1.81
N VAL A 30 9.35 -1.06 -2.18
CA VAL A 30 9.97 -0.17 -1.22
C VAL A 30 8.97 0.36 -0.21
N HIS A 31 7.70 0.39 -0.62
CA HIS A 31 6.63 0.86 0.25
C HIS A 31 6.17 -0.24 1.22
N GLN A 32 5.92 -1.43 0.67
CA GLN A 32 5.48 -2.55 1.48
C GLN A 32 6.41 -2.77 2.66
N ARG A 33 7.65 -2.32 2.53
CA ARG A 33 8.64 -2.47 3.59
C ARG A 33 8.20 -1.72 4.85
N ILE A 34 7.13 -0.94 4.72
CA ILE A 34 6.61 -0.17 5.84
C ILE A 34 5.65 -1.01 6.69
N HIS A 35 4.97 -1.96 6.05
CA HIS A 35 4.04 -2.83 6.74
C HIS A 35 4.77 -3.91 7.52
N THR A 36 5.70 -4.58 6.84
CA THR A 36 6.48 -5.65 7.48
C THR A 36 7.49 -5.08 8.46
N GLY A 37 7.04 -4.83 9.68
CA GLY A 37 7.92 -4.28 10.71
C GLY A 37 7.16 -3.67 11.86
N GLU A 38 6.12 -2.89 11.53
CA GLU A 38 5.32 -2.23 12.56
C GLU A 38 3.87 -2.70 12.48
N ASN A 39 3.47 -3.50 13.47
CA ASN A 39 2.11 -4.03 13.51
C ASN A 39 1.30 -3.35 14.63
N PRO A 40 0.82 -2.12 14.34
CA PRO A 40 0.03 -1.35 15.30
C PRO A 40 -1.35 -1.94 15.52
N SER A 41 -1.71 -2.11 16.79
CA SER A 41 -3.01 -2.68 17.16
C SER A 41 -4.12 -2.05 16.32
N GLY A 42 -4.98 -2.89 15.76
CA GLY A 42 -6.08 -2.41 14.94
C GLY A 42 -6.00 -2.89 13.51
N PRO A 43 -5.23 -2.16 12.68
CA PRO A 43 -5.05 -2.50 11.27
C PRO A 43 -4.23 -3.77 11.07
N SER A 44 -3.84 -4.39 12.18
CA SER A 44 -3.05 -5.62 12.13
C SER A 44 -3.73 -6.67 11.26
N SER A 45 -3.09 -7.00 10.14
CA SER A 45 -3.63 -7.99 9.21
C SER A 45 -3.00 -9.35 9.44
N GLY A 46 -3.84 -10.37 9.56
CA GLY A 46 -3.34 -11.72 9.78
C GLY A 46 -4.28 -12.78 9.23
ZN ZN B . 0.84 -0.38 1.77
N GLY A 1 -13.11 12.11 5.23
CA GLY A 1 -12.69 13.26 4.45
C GLY A 1 -12.94 13.07 2.96
N SER A 2 -12.46 14.02 2.16
CA SER A 2 -12.64 13.96 0.71
C SER A 2 -11.32 13.64 0.02
N SER A 3 -10.57 12.70 0.59
CA SER A 3 -9.28 12.30 0.03
C SER A 3 -9.46 11.60 -1.31
N GLY A 4 -10.26 10.54 -1.31
CA GLY A 4 -10.50 9.79 -2.52
C GLY A 4 -9.62 8.56 -2.65
N SER A 5 -10.25 7.39 -2.77
CA SER A 5 -9.51 6.15 -2.89
C SER A 5 -9.97 5.36 -4.11
N SER A 6 -11.27 5.37 -4.36
CA SER A 6 -11.83 4.65 -5.50
C SER A 6 -12.51 5.62 -6.47
N GLY A 7 -12.13 5.54 -7.74
CA GLY A 7 -12.72 6.41 -8.75
C GLY A 7 -12.10 6.22 -10.11
N THR A 8 -10.77 6.37 -10.18
CA THR A 8 -10.06 6.21 -11.44
C THR A 8 -8.56 6.18 -11.22
N GLY A 9 -7.85 5.41 -12.05
CA GLY A 9 -6.41 5.32 -11.92
C GLY A 9 -5.97 4.01 -11.28
N GLU A 10 -5.79 2.98 -12.10
CA GLU A 10 -5.37 1.67 -11.61
C GLU A 10 -3.94 1.37 -12.03
N LYS A 11 -3.07 1.16 -11.06
CA LYS A 11 -1.67 0.86 -11.32
C LYS A 11 -1.44 -0.65 -11.39
N PRO A 12 -0.42 -1.05 -12.16
CA PRO A 12 -0.07 -2.47 -12.32
C PRO A 12 0.51 -3.08 -11.05
N HIS A 13 0.51 -2.30 -9.98
CA HIS A 13 1.03 -2.78 -8.69
C HIS A 13 0.30 -2.10 -7.53
N GLU A 14 -0.58 -2.85 -6.88
CA GLU A 14 -1.35 -2.32 -5.75
C GLU A 14 -0.87 -2.95 -4.44
N CYS A 15 -0.90 -2.15 -3.38
CA CYS A 15 -0.47 -2.63 -2.07
C CYS A 15 -1.62 -3.28 -1.32
N ARG A 16 -1.79 -4.58 -1.53
CA ARG A 16 -2.86 -5.34 -0.87
C ARG A 16 -2.87 -5.07 0.63
N GLU A 17 -1.75 -4.57 1.14
CA GLU A 17 -1.63 -4.28 2.57
C GLU A 17 -2.53 -3.10 2.96
N CYS A 18 -2.36 -1.97 2.28
CA CYS A 18 -3.15 -0.78 2.56
C CYS A 18 -4.06 -0.46 1.37
N GLY A 19 -3.52 -0.61 0.17
CA GLY A 19 -4.29 -0.33 -1.03
C GLY A 19 -3.57 0.60 -1.98
N LYS A 20 -2.44 1.16 -1.53
CA LYS A 20 -1.65 2.06 -2.35
C LYS A 20 -1.48 1.51 -3.75
N SER A 21 -0.95 2.35 -4.65
CA SER A 21 -0.74 1.95 -6.03
C SER A 21 0.56 2.55 -6.58
N PHE A 22 1.36 1.72 -7.24
CA PHE A 22 2.63 2.17 -7.80
C PHE A 22 2.74 1.75 -9.27
N SER A 23 3.02 2.71 -10.13
CA SER A 23 3.15 2.44 -11.56
C SER A 23 4.27 1.43 -11.82
N PHE A 24 5.16 1.28 -10.84
CA PHE A 24 6.27 0.35 -10.96
C PHE A 24 6.33 -0.59 -9.76
N ASN A 25 6.81 -1.82 -10.00
CA ASN A 25 6.91 -2.81 -8.94
C ASN A 25 7.95 -2.39 -7.89
N SER A 26 9.20 -2.24 -8.33
CA SER A 26 10.28 -1.84 -7.44
C SER A 26 9.77 -0.89 -6.37
N GLN A 27 8.86 0.01 -6.75
CA GLN A 27 8.30 0.98 -5.83
C GLN A 27 7.47 0.29 -4.75
N LEU A 28 6.38 -0.35 -5.17
CA LEU A 28 5.51 -1.06 -4.23
C LEU A 28 6.32 -1.88 -3.24
N ILE A 29 7.46 -2.40 -3.70
CA ILE A 29 8.33 -3.19 -2.85
C ILE A 29 8.98 -2.35 -1.76
N VAL A 30 9.42 -1.16 -2.14
CA VAL A 30 10.06 -0.25 -1.18
C VAL A 30 9.05 0.29 -0.18
N HIS A 31 7.79 0.33 -0.59
CA HIS A 31 6.73 0.83 0.28
C HIS A 31 6.26 -0.26 1.24
N GLN A 32 5.98 -1.43 0.71
CA GLN A 32 5.52 -2.56 1.52
C GLN A 32 6.45 -2.79 2.70
N ARG A 33 7.70 -2.36 2.56
CA ARG A 33 8.69 -2.52 3.61
C ARG A 33 8.27 -1.77 4.87
N ILE A 34 7.21 -0.97 4.75
CA ILE A 34 6.71 -0.20 5.88
C ILE A 34 5.73 -1.00 6.72
N HIS A 35 5.01 -1.90 6.06
CA HIS A 35 4.03 -2.74 6.75
C HIS A 35 4.73 -3.83 7.56
N THR A 36 5.69 -4.52 6.93
CA THR A 36 6.42 -5.58 7.59
C THR A 36 7.53 -5.02 8.48
N GLY A 37 8.17 -3.94 8.00
CA GLY A 37 9.24 -3.33 8.76
C GLY A 37 8.97 -3.33 10.26
N GLU A 38 7.94 -2.61 10.68
CA GLU A 38 7.58 -2.54 12.09
C GLU A 38 6.74 -3.74 12.50
N ASN A 39 6.36 -3.78 13.78
CA ASN A 39 5.57 -4.88 14.30
C ASN A 39 4.55 -5.37 13.27
N PRO A 40 4.33 -6.69 13.23
CA PRO A 40 3.39 -7.31 12.29
C PRO A 40 1.94 -6.97 12.61
N SER A 41 1.01 -7.63 11.92
CA SER A 41 -0.41 -7.39 12.13
C SER A 41 -0.93 -8.24 13.30
N GLY A 42 -0.09 -8.42 14.31
CA GLY A 42 -0.48 -9.21 15.46
C GLY A 42 -0.73 -8.35 16.69
N PRO A 43 0.37 -7.87 17.31
CA PRO A 43 0.30 -7.03 18.50
C PRO A 43 -0.27 -5.64 18.21
N SER A 44 -0.65 -5.42 16.95
CA SER A 44 -1.20 -4.14 16.54
C SER A 44 -2.71 -4.11 16.73
N SER A 45 -3.37 -5.21 16.37
CA SER A 45 -4.83 -5.31 16.50
C SER A 45 -5.26 -4.98 17.92
N GLY A 46 -6.51 -4.52 18.06
CA GLY A 46 -7.04 -4.18 19.36
C GLY A 46 -7.09 -2.69 19.60
ZN ZN B . 1.01 -0.32 1.82
N GLY A 1 -21.58 24.17 -5.74
CA GLY A 1 -21.57 22.91 -6.48
C GLY A 1 -20.87 21.81 -5.71
N SER A 2 -21.53 20.66 -5.59
CA SER A 2 -20.97 19.53 -4.87
C SER A 2 -20.96 18.28 -5.75
N SER A 3 -19.83 18.06 -6.43
CA SER A 3 -19.69 16.90 -7.31
C SER A 3 -18.56 16.00 -6.84
N GLY A 4 -17.39 16.58 -6.59
CA GLY A 4 -16.26 15.82 -6.14
C GLY A 4 -16.14 14.48 -6.85
N SER A 5 -15.81 14.51 -8.13
CA SER A 5 -15.68 13.31 -8.92
C SER A 5 -14.39 13.34 -9.77
N SER A 6 -13.35 12.69 -9.27
CA SER A 6 -12.06 12.65 -9.96
C SER A 6 -11.70 11.21 -10.32
N GLY A 7 -12.09 10.78 -11.51
CA GLY A 7 -11.78 9.43 -11.95
C GLY A 7 -10.30 9.20 -12.08
N THR A 8 -9.87 7.98 -11.75
CA THR A 8 -8.46 7.62 -11.83
C THR A 8 -8.28 6.14 -12.13
N GLY A 9 -7.45 5.83 -13.13
CA GLY A 9 -7.22 4.45 -13.49
C GLY A 9 -6.63 3.64 -12.37
N GLU A 10 -5.90 2.58 -12.71
CA GLU A 10 -5.29 1.71 -11.71
C GLU A 10 -3.88 1.33 -12.12
N LYS A 11 -2.97 1.30 -11.14
CA LYS A 11 -1.57 0.96 -11.41
C LYS A 11 -1.40 -0.56 -11.46
N PRO A 12 -0.38 -1.01 -12.22
CA PRO A 12 -0.09 -2.44 -12.38
C PRO A 12 0.45 -3.06 -11.11
N HIS A 13 0.48 -2.28 -10.03
CA HIS A 13 0.98 -2.76 -8.74
C HIS A 13 0.23 -2.09 -7.59
N GLU A 14 -0.66 -2.84 -6.96
CA GLU A 14 -1.44 -2.32 -5.84
C GLU A 14 -1.03 -2.99 -4.54
N CYS A 15 -0.99 -2.19 -3.46
CA CYS A 15 -0.60 -2.70 -2.15
C CYS A 15 -1.80 -3.32 -1.44
N ARG A 16 -1.74 -4.64 -1.24
CA ARG A 16 -2.82 -5.36 -0.57
C ARG A 16 -2.79 -5.11 0.92
N GLU A 17 -1.72 -4.47 1.40
CA GLU A 17 -1.57 -4.17 2.82
C GLU A 17 -2.47 -2.99 3.21
N CYS A 18 -2.40 -1.91 2.45
CA CYS A 18 -3.20 -0.72 2.74
C CYS A 18 -4.13 -0.42 1.57
N GLY A 19 -3.60 -0.51 0.35
CA GLY A 19 -4.40 -0.24 -0.83
C GLY A 19 -3.70 0.69 -1.81
N LYS A 20 -2.53 1.15 -1.43
CA LYS A 20 -1.74 2.06 -2.28
C LYS A 20 -1.57 1.47 -3.67
N SER A 21 -0.87 2.21 -4.53
CA SER A 21 -0.62 1.76 -5.89
C SER A 21 0.63 2.42 -6.46
N PHE A 22 1.42 1.65 -7.21
CA PHE A 22 2.64 2.15 -7.82
C PHE A 22 2.75 1.71 -9.27
N SER A 23 3.19 2.64 -10.13
CA SER A 23 3.32 2.34 -11.55
C SER A 23 4.44 1.32 -11.80
N PHE A 24 5.42 1.32 -10.91
CA PHE A 24 6.54 0.39 -11.02
C PHE A 24 6.63 -0.52 -9.80
N ASN A 25 6.83 -1.80 -10.03
CA ASN A 25 6.92 -2.78 -8.96
C ASN A 25 7.95 -2.34 -7.92
N SER A 26 9.19 -2.16 -8.36
CA SER A 26 10.27 -1.75 -7.46
C SER A 26 9.74 -0.80 -6.39
N GLN A 27 8.87 0.12 -6.79
CA GLN A 27 8.30 1.09 -5.87
C GLN A 27 7.46 0.40 -4.80
N LEU A 28 6.37 -0.25 -5.22
CA LEU A 28 5.50 -0.95 -4.31
C LEU A 28 6.29 -1.80 -3.32
N ILE A 29 7.42 -2.32 -3.79
CA ILE A 29 8.29 -3.14 -2.95
C ILE A 29 8.92 -2.32 -1.84
N VAL A 30 9.37 -1.12 -2.19
CA VAL A 30 10.00 -0.23 -1.22
C VAL A 30 8.98 0.29 -0.21
N HIS A 31 7.72 0.31 -0.60
CA HIS A 31 6.65 0.78 0.27
C HIS A 31 6.21 -0.32 1.23
N GLN A 32 5.94 -1.50 0.69
CA GLN A 32 5.50 -2.64 1.50
C GLN A 32 6.45 -2.86 2.67
N ARG A 33 7.70 -2.40 2.52
CA ARG A 33 8.70 -2.55 3.57
C ARG A 33 8.28 -1.80 4.83
N ILE A 34 7.21 -1.03 4.73
CA ILE A 34 6.71 -0.27 5.87
C ILE A 34 5.72 -1.09 6.69
N HIS A 35 5.02 -2.00 6.03
CA HIS A 35 4.04 -2.85 6.71
C HIS A 35 4.73 -3.97 7.47
N THR A 36 5.42 -4.85 6.75
CA THR A 36 6.13 -5.96 7.35
C THR A 36 7.08 -5.48 8.46
N GLY A 37 7.76 -4.37 8.19
CA GLY A 37 8.68 -3.82 9.18
C GLY A 37 9.65 -4.86 9.70
N GLU A 38 10.20 -5.67 8.79
CA GLU A 38 11.15 -6.71 9.16
C GLU A 38 12.44 -6.10 9.70
N ASN A 39 12.58 -6.09 11.02
CA ASN A 39 13.77 -5.53 11.67
C ASN A 39 14.36 -6.53 12.66
N PRO A 40 15.64 -6.32 13.00
CA PRO A 40 16.36 -7.19 13.96
C PRO A 40 15.84 -7.03 15.38
N SER A 41 16.33 -7.88 16.28
CA SER A 41 15.92 -7.83 17.67
C SER A 41 16.34 -6.51 18.32
N GLY A 42 15.44 -5.53 18.29
CA GLY A 42 15.74 -4.24 18.87
C GLY A 42 16.59 -3.37 17.96
N PRO A 43 15.97 -2.86 16.89
CA PRO A 43 16.66 -2.00 15.91
C PRO A 43 17.00 -0.63 16.49
N SER A 44 16.01 0.03 17.09
CA SER A 44 16.20 1.34 17.68
C SER A 44 17.58 1.44 18.34
N SER A 45 18.25 2.57 18.13
CA SER A 45 19.57 2.79 18.71
C SER A 45 19.46 3.27 20.15
N GLY A 46 18.59 4.26 20.37
CA GLY A 46 18.41 4.80 21.71
C GLY A 46 18.12 3.72 22.73
ZN ZN B . 0.79 -0.42 1.67
N GLY A 1 -24.15 16.87 -15.41
CA GLY A 1 -22.71 16.82 -15.27
C GLY A 1 -22.01 16.56 -16.59
N SER A 2 -20.83 15.96 -16.54
CA SER A 2 -20.06 15.66 -17.74
C SER A 2 -18.83 14.83 -17.40
N SER A 3 -18.49 13.90 -18.29
CA SER A 3 -17.33 13.04 -18.09
C SER A 3 -16.73 12.62 -19.42
N GLY A 4 -15.57 13.18 -19.75
CA GLY A 4 -14.91 12.85 -21.00
C GLY A 4 -14.22 11.50 -20.95
N SER A 5 -13.15 11.36 -21.71
CA SER A 5 -12.40 10.11 -21.77
C SER A 5 -11.70 9.84 -20.44
N SER A 6 -11.89 8.63 -19.92
CA SER A 6 -11.27 8.25 -18.65
C SER A 6 -11.35 6.73 -18.44
N GLY A 7 -10.33 6.18 -17.80
CA GLY A 7 -10.29 4.75 -17.55
C GLY A 7 -8.96 4.28 -17.01
N THR A 8 -8.80 2.97 -16.87
CA THR A 8 -7.57 2.40 -16.36
C THR A 8 -6.93 3.30 -15.32
N GLY A 9 -7.75 3.84 -14.42
CA GLY A 9 -7.26 4.72 -13.38
C GLY A 9 -6.62 3.95 -12.24
N GLU A 10 -5.81 2.96 -12.58
CA GLU A 10 -5.13 2.14 -11.57
C GLU A 10 -3.67 1.90 -11.96
N LYS A 11 -2.95 1.21 -11.09
CA LYS A 11 -1.54 0.91 -11.34
C LYS A 11 -1.32 -0.60 -11.44
N PRO A 12 -0.29 -1.01 -12.19
CA PRO A 12 0.06 -2.42 -12.37
C PRO A 12 0.61 -3.05 -11.09
N HIS A 13 0.59 -2.29 -10.00
CA HIS A 13 1.09 -2.78 -8.72
C HIS A 13 0.35 -2.12 -7.57
N GLU A 14 -0.55 -2.88 -6.94
CA GLU A 14 -1.33 -2.37 -5.82
C GLU A 14 -0.87 -2.99 -4.50
N CYS A 15 -0.92 -2.20 -3.44
CA CYS A 15 -0.51 -2.67 -2.11
C CYS A 15 -1.68 -3.33 -1.38
N ARG A 16 -1.77 -4.65 -1.49
CA ARG A 16 -2.84 -5.39 -0.83
C ARG A 16 -2.80 -5.18 0.69
N GLU A 17 -1.72 -4.59 1.17
CA GLU A 17 -1.56 -4.32 2.59
C GLU A 17 -2.48 -3.19 3.04
N CYS A 18 -2.35 -2.04 2.40
CA CYS A 18 -3.18 -0.89 2.74
C CYS A 18 -4.13 -0.54 1.59
N GLY A 19 -3.62 -0.62 0.36
CA GLY A 19 -4.43 -0.31 -0.79
C GLY A 19 -3.73 0.63 -1.77
N LYS A 20 -2.55 1.10 -1.38
CA LYS A 20 -1.78 2.00 -2.22
C LYS A 20 -1.56 1.41 -3.61
N SER A 21 -0.86 2.15 -4.46
CA SER A 21 -0.58 1.69 -5.82
C SER A 21 0.68 2.35 -6.37
N PHE A 22 1.37 1.64 -7.25
CA PHE A 22 2.59 2.17 -7.85
C PHE A 22 2.69 1.77 -9.32
N SER A 23 3.18 2.67 -10.15
CA SER A 23 3.32 2.42 -11.58
C SER A 23 4.34 1.31 -11.83
N PHE A 24 5.34 1.23 -10.95
CA PHE A 24 6.38 0.21 -11.08
C PHE A 24 6.44 -0.66 -9.83
N ASN A 25 6.66 -1.96 -10.03
CA ASN A 25 6.74 -2.90 -8.93
C ASN A 25 7.80 -2.46 -7.92
N SER A 26 9.03 -2.34 -8.39
CA SER A 26 10.15 -1.94 -7.52
C SER A 26 9.67 -0.94 -6.47
N GLN A 27 8.77 -0.05 -6.86
CA GLN A 27 8.23 0.96 -5.96
C GLN A 27 7.42 0.31 -4.84
N LEU A 28 6.30 -0.32 -5.22
CA LEU A 28 5.43 -0.97 -4.26
C LEU A 28 6.24 -1.79 -3.25
N ILE A 29 7.37 -2.31 -3.71
CA ILE A 29 8.24 -3.10 -2.85
C ILE A 29 8.89 -2.25 -1.78
N VAL A 30 9.34 -1.06 -2.17
CA VAL A 30 9.99 -0.13 -1.24
C VAL A 30 8.99 0.39 -0.21
N HIS A 31 7.72 0.41 -0.60
CA HIS A 31 6.67 0.90 0.28
C HIS A 31 6.22 -0.19 1.25
N GLN A 32 5.96 -1.38 0.71
CA GLN A 32 5.52 -2.51 1.53
C GLN A 32 6.46 -2.72 2.71
N ARG A 33 7.70 -2.28 2.56
CA ARG A 33 8.70 -2.42 3.61
C ARG A 33 8.27 -1.68 4.88
N ILE A 34 7.21 -0.89 4.75
CA ILE A 34 6.69 -0.13 5.89
C ILE A 34 5.71 -0.95 6.71
N HIS A 35 5.05 -1.91 6.05
CA HIS A 35 4.08 -2.76 6.72
C HIS A 35 4.79 -3.89 7.48
N THR A 36 5.65 -4.62 6.78
CA THR A 36 6.38 -5.71 7.39
C THR A 36 7.70 -5.24 7.99
N GLY A 37 7.62 -4.61 9.16
CA GLY A 37 8.81 -4.11 9.83
C GLY A 37 8.49 -3.09 10.89
N GLU A 38 8.05 -1.90 10.48
CA GLU A 38 7.71 -0.84 11.42
C GLU A 38 6.21 -0.57 11.41
N ASN A 39 5.73 0.13 12.45
CA ASN A 39 4.32 0.45 12.56
C ASN A 39 4.13 1.90 13.01
N PRO A 40 2.99 2.48 12.61
CA PRO A 40 2.65 3.87 12.97
C PRO A 40 2.35 4.04 14.45
N SER A 41 2.12 5.27 14.86
CA SER A 41 1.81 5.57 16.26
C SER A 41 0.47 4.99 16.67
N GLY A 42 0.50 4.01 17.55
CA GLY A 42 -0.72 3.37 18.01
C GLY A 42 -1.63 2.97 16.86
N PRO A 43 -1.32 1.82 16.23
CA PRO A 43 -2.10 1.30 15.10
C PRO A 43 -3.48 0.81 15.53
N SER A 44 -3.52 0.06 16.62
CA SER A 44 -4.78 -0.48 17.13
C SER A 44 -5.25 0.31 18.34
N SER A 45 -6.54 0.17 18.67
CA SER A 45 -7.11 0.88 19.81
C SER A 45 -7.07 0.01 21.06
N GLY A 46 -7.57 -1.21 20.94
CA GLY A 46 -7.58 -2.12 22.08
C GLY A 46 -6.35 -1.96 22.96
ZN ZN B . 0.84 -0.43 1.71
N GLY A 1 -14.51 21.35 0.43
CA GLY A 1 -14.68 20.18 -0.43
C GLY A 1 -14.99 18.93 0.36
N SER A 2 -13.97 18.11 0.59
CA SER A 2 -14.13 16.87 1.33
C SER A 2 -15.42 16.16 0.91
N SER A 3 -15.68 16.14 -0.38
CA SER A 3 -16.88 15.50 -0.91
C SER A 3 -16.60 14.05 -1.31
N GLY A 4 -17.17 13.11 -0.57
CA GLY A 4 -16.95 11.71 -0.86
C GLY A 4 -15.49 11.36 -1.05
N SER A 5 -14.84 10.93 0.02
CA SER A 5 -13.43 10.57 -0.03
C SER A 5 -13.21 9.37 -0.95
N SER A 6 -12.14 9.42 -1.74
CA SER A 6 -11.81 8.34 -2.66
C SER A 6 -10.54 7.61 -2.22
N GLY A 7 -10.37 6.40 -2.72
CA GLY A 7 -9.18 5.63 -2.37
C GLY A 7 -8.97 4.44 -3.30
N THR A 8 -8.54 4.73 -4.53
CA THR A 8 -8.31 3.68 -5.52
C THR A 8 -7.08 4.01 -6.37
N GLY A 9 -6.61 3.00 -7.10
CA GLY A 9 -5.44 3.19 -7.95
C GLY A 9 -5.45 2.29 -9.17
N GLU A 10 -5.17 2.86 -10.33
CA GLU A 10 -5.15 2.09 -11.57
C GLU A 10 -3.71 1.79 -12.00
N LYS A 11 -2.93 1.21 -11.11
CA LYS A 11 -1.55 0.87 -11.39
C LYS A 11 -1.35 -0.64 -11.47
N PRO A 12 -0.34 -1.07 -12.24
CA PRO A 12 -0.02 -2.50 -12.40
C PRO A 12 0.54 -3.11 -11.13
N HIS A 13 0.57 -2.34 -10.05
CA HIS A 13 1.09 -2.82 -8.78
C HIS A 13 0.34 -2.17 -7.61
N GLU A 14 -0.54 -2.94 -6.98
CA GLU A 14 -1.32 -2.44 -5.85
C GLU A 14 -0.84 -3.07 -4.54
N CYS A 15 -0.98 -2.32 -3.45
CA CYS A 15 -0.55 -2.80 -2.14
C CYS A 15 -1.73 -3.42 -1.38
N ARG A 16 -1.67 -4.74 -1.17
CA ARG A 16 -2.72 -5.45 -0.47
C ARG A 16 -2.73 -5.09 1.02
N GLU A 17 -1.65 -4.46 1.47
CA GLU A 17 -1.52 -4.06 2.87
C GLU A 17 -2.45 -2.89 3.18
N CYS A 18 -2.29 -1.81 2.42
CA CYS A 18 -3.12 -0.62 2.61
C CYS A 18 -4.04 -0.40 1.43
N GLY A 19 -3.52 -0.60 0.23
CA GLY A 19 -4.31 -0.42 -0.98
C GLY A 19 -3.69 0.59 -1.92
N LYS A 20 -2.44 0.96 -1.67
CA LYS A 20 -1.74 1.92 -2.51
C LYS A 20 -1.51 1.37 -3.91
N SER A 21 -1.02 2.21 -4.81
CA SER A 21 -0.76 1.82 -6.19
C SER A 21 0.52 2.46 -6.72
N PHE A 22 1.36 1.65 -7.34
CA PHE A 22 2.62 2.14 -7.89
C PHE A 22 2.78 1.73 -9.35
N SER A 23 3.03 2.69 -10.21
CA SER A 23 3.20 2.43 -11.64
C SER A 23 4.31 1.41 -11.87
N PHE A 24 5.24 1.33 -10.93
CA PHE A 24 6.36 0.40 -11.03
C PHE A 24 6.38 -0.56 -9.84
N ASN A 25 6.89 -1.76 -10.06
CA ASN A 25 6.98 -2.75 -9.01
C ASN A 25 7.98 -2.34 -7.94
N SER A 26 9.24 -2.16 -8.35
CA SER A 26 10.29 -1.77 -7.42
C SER A 26 9.75 -0.82 -6.35
N GLN A 27 8.85 0.07 -6.76
CA GLN A 27 8.25 1.02 -5.83
C GLN A 27 7.40 0.32 -4.79
N LEU A 28 6.33 -0.34 -5.24
CA LEU A 28 5.44 -1.05 -4.34
C LEU A 28 6.22 -1.90 -3.36
N ILE A 29 7.38 -2.38 -3.79
CA ILE A 29 8.23 -3.21 -2.94
C ILE A 29 8.87 -2.38 -1.83
N VAL A 30 9.34 -1.19 -2.18
CA VAL A 30 9.97 -0.30 -1.21
C VAL A 30 8.95 0.25 -0.23
N HIS A 31 7.69 0.29 -0.64
CA HIS A 31 6.62 0.80 0.20
C HIS A 31 6.15 -0.28 1.18
N GLN A 32 5.89 -1.47 0.66
CA GLN A 32 5.43 -2.59 1.49
C GLN A 32 6.35 -2.79 2.69
N ARG A 33 7.61 -2.34 2.55
CA ARG A 33 8.58 -2.47 3.63
C ARG A 33 8.14 -1.69 4.86
N ILE A 34 7.07 -0.92 4.72
CA ILE A 34 6.55 -0.12 5.81
C ILE A 34 5.56 -0.93 6.66
N HIS A 35 4.93 -1.91 6.04
CA HIS A 35 3.97 -2.76 6.73
C HIS A 35 4.67 -3.88 7.49
N THR A 36 5.54 -4.61 6.79
CA THR A 36 6.27 -5.70 7.39
C THR A 36 7.65 -5.25 7.86
N GLY A 37 7.67 -4.46 8.94
CA GLY A 37 8.91 -3.97 9.49
C GLY A 37 8.72 -2.76 10.38
N GLU A 38 8.24 -1.67 9.81
CA GLU A 38 8.01 -0.45 10.56
C GLU A 38 6.80 -0.58 11.46
N ASN A 39 6.98 -0.26 12.74
CA ASN A 39 5.91 -0.34 13.72
C ASN A 39 5.62 1.02 14.34
N PRO A 40 4.82 1.83 13.63
CA PRO A 40 4.45 3.18 14.09
C PRO A 40 3.50 3.14 15.29
N SER A 41 3.22 1.94 15.77
CA SER A 41 2.32 1.77 16.91
C SER A 41 0.90 2.16 16.55
N GLY A 42 0.37 1.55 15.49
CA GLY A 42 -0.98 1.85 15.06
C GLY A 42 -1.64 0.67 14.37
N PRO A 43 -1.16 0.35 13.16
CA PRO A 43 -1.70 -0.77 12.37
C PRO A 43 -1.37 -2.12 12.98
N SER A 44 -0.46 -2.13 13.95
CA SER A 44 -0.06 -3.36 14.61
C SER A 44 -0.01 -3.17 16.13
N SER A 45 -0.04 -4.29 16.86
CA SER A 45 0.00 -4.24 18.32
C SER A 45 1.44 -4.34 18.83
N GLY A 46 1.75 -3.53 19.83
CA GLY A 46 3.09 -3.53 20.40
C GLY A 46 3.42 -2.25 21.13
ZN ZN B . 0.77 -0.36 1.73
N GLY A 1 -20.74 2.98 8.44
CA GLY A 1 -20.53 1.86 7.54
C GLY A 1 -20.54 2.27 6.08
N SER A 2 -19.44 2.00 5.38
CA SER A 2 -19.33 2.35 3.97
C SER A 2 -18.36 1.42 3.25
N SER A 3 -18.57 1.25 1.95
CA SER A 3 -17.71 0.39 1.15
C SER A 3 -16.56 1.16 0.54
N GLY A 4 -16.89 2.16 -0.28
CA GLY A 4 -15.86 2.96 -0.92
C GLY A 4 -16.33 3.59 -2.20
N SER A 5 -15.45 3.65 -3.20
CA SER A 5 -15.78 4.25 -4.48
C SER A 5 -14.82 3.76 -5.57
N SER A 6 -15.38 3.46 -6.74
CA SER A 6 -14.57 2.97 -7.86
C SER A 6 -13.44 3.94 -8.17
N GLY A 7 -12.49 3.49 -8.99
CA GLY A 7 -11.37 4.32 -9.35
C GLY A 7 -11.17 4.41 -10.85
N THR A 8 -10.27 5.30 -11.28
CA THR A 8 -10.00 5.48 -12.70
C THR A 8 -8.50 5.30 -12.99
N GLY A 9 -8.17 4.27 -13.75
CA GLY A 9 -6.79 4.01 -14.09
C GLY A 9 -6.00 3.46 -12.92
N GLU A 10 -6.09 2.15 -12.72
CA GLU A 10 -5.37 1.50 -11.63
C GLU A 10 -3.94 1.15 -12.04
N LYS A 11 -3.02 1.24 -11.09
CA LYS A 11 -1.62 0.94 -11.34
C LYS A 11 -1.40 -0.57 -11.43
N PRO A 12 -0.36 -0.96 -12.18
CA PRO A 12 -0.01 -2.38 -12.37
C PRO A 12 0.54 -3.01 -11.10
N HIS A 13 0.53 -2.25 -10.01
CA HIS A 13 1.03 -2.74 -8.73
C HIS A 13 0.27 -2.09 -7.57
N GLU A 14 -0.61 -2.87 -6.95
CA GLU A 14 -1.40 -2.38 -5.83
C GLU A 14 -0.93 -3.00 -4.52
N CYS A 15 -0.98 -2.21 -3.45
CA CYS A 15 -0.55 -2.68 -2.14
C CYS A 15 -1.73 -3.29 -1.37
N ARG A 16 -1.83 -4.62 -1.39
CA ARG A 16 -2.90 -5.31 -0.70
C ARG A 16 -2.83 -5.06 0.81
N GLU A 17 -1.75 -4.44 1.25
CA GLU A 17 -1.57 -4.15 2.67
C GLU A 17 -2.45 -2.98 3.10
N CYS A 18 -2.36 -1.88 2.37
CA CYS A 18 -3.15 -0.68 2.68
C CYS A 18 -4.09 -0.35 1.52
N GLY A 19 -3.57 -0.44 0.30
CA GLY A 19 -4.38 -0.14 -0.87
C GLY A 19 -3.69 0.80 -1.83
N LYS A 20 -2.47 1.21 -1.47
CA LYS A 20 -1.70 2.12 -2.31
C LYS A 20 -1.48 1.54 -3.70
N SER A 21 -0.92 2.33 -4.60
CA SER A 21 -0.66 1.90 -5.97
C SER A 21 0.61 2.52 -6.52
N PHE A 22 1.41 1.72 -7.22
CA PHE A 22 2.66 2.20 -7.80
C PHE A 22 2.77 1.79 -9.26
N SER A 23 3.07 2.76 -10.12
CA SER A 23 3.21 2.50 -11.55
C SER A 23 4.27 1.44 -11.81
N PHE A 24 5.24 1.34 -10.91
CA PHE A 24 6.32 0.36 -11.03
C PHE A 24 6.33 -0.58 -9.83
N ASN A 25 6.92 -1.76 -10.02
CA ASN A 25 7.01 -2.75 -8.97
C ASN A 25 8.03 -2.33 -7.91
N SER A 26 9.28 -2.16 -8.33
CA SER A 26 10.35 -1.77 -7.42
C SER A 26 9.82 -0.81 -6.35
N GLN A 27 8.89 0.05 -6.74
CA GLN A 27 8.31 1.03 -5.83
C GLN A 27 7.46 0.33 -4.77
N LEU A 28 6.38 -0.30 -5.21
CA LEU A 28 5.48 -1.01 -4.31
C LEU A 28 6.27 -1.88 -3.33
N ILE A 29 7.43 -2.35 -3.77
CA ILE A 29 8.28 -3.19 -2.93
C ILE A 29 8.93 -2.38 -1.82
N VAL A 30 9.39 -1.18 -2.16
CA VAL A 30 10.03 -0.30 -1.19
C VAL A 30 9.03 0.23 -0.18
N HIS A 31 7.76 0.27 -0.58
CA HIS A 31 6.70 0.76 0.30
C HIS A 31 6.24 -0.33 1.26
N GLN A 32 5.97 -1.52 0.71
CA GLN A 32 5.52 -2.64 1.51
C GLN A 32 6.45 -2.87 2.69
N ARG A 33 7.70 -2.42 2.56
CA ARG A 33 8.69 -2.58 3.62
C ARG A 33 8.27 -1.81 4.87
N ILE A 34 7.20 -1.04 4.75
CA ILE A 34 6.70 -0.27 5.88
C ILE A 34 5.70 -1.07 6.71
N HIS A 35 5.05 -2.04 6.08
CA HIS A 35 4.07 -2.88 6.75
C HIS A 35 4.78 -3.97 7.56
N THR A 36 5.61 -4.77 6.88
CA THR A 36 6.33 -5.84 7.54
C THR A 36 7.46 -5.30 8.42
N GLY A 37 8.19 -4.32 7.89
CA GLY A 37 9.27 -3.72 8.65
C GLY A 37 8.81 -3.13 9.96
N GLU A 38 7.89 -2.18 9.88
CA GLU A 38 7.37 -1.52 11.08
C GLU A 38 5.95 -2.00 11.39
N ASN A 39 5.79 -2.63 12.55
CA ASN A 39 4.49 -3.13 12.97
C ASN A 39 3.38 -2.17 12.59
N PRO A 40 2.24 -2.71 12.14
CA PRO A 40 1.08 -1.91 11.73
C PRO A 40 0.40 -1.23 12.91
N SER A 41 0.00 0.03 12.72
CA SER A 41 -0.66 0.79 13.77
C SER A 41 -2.08 0.26 14.02
N GLY A 42 -2.90 0.26 12.97
CA GLY A 42 -4.26 -0.21 13.09
C GLY A 42 -4.57 -1.35 12.15
N PRO A 43 -3.92 -2.51 12.37
CA PRO A 43 -4.11 -3.70 11.54
C PRO A 43 -5.49 -4.32 11.73
N SER A 44 -5.75 -5.38 10.99
CA SER A 44 -7.05 -6.07 11.06
C SER A 44 -7.14 -6.89 12.35
N SER A 45 -8.29 -6.81 13.01
CA SER A 45 -8.51 -7.54 14.25
C SER A 45 -9.97 -7.41 14.69
N GLY A 46 -10.66 -8.55 14.78
CA GLY A 46 -12.04 -8.55 15.20
C GLY A 46 -12.98 -8.96 14.08
ZN ZN B . 0.80 -0.43 1.75
N GLY A 1 -12.86 17.98 9.94
CA GLY A 1 -11.59 17.76 9.27
C GLY A 1 -11.73 17.73 7.77
N SER A 2 -10.83 17.02 7.11
CA SER A 2 -10.85 16.91 5.65
C SER A 2 -10.63 15.47 5.21
N SER A 3 -10.89 15.20 3.94
CA SER A 3 -10.73 13.87 3.38
C SER A 3 -9.84 13.89 2.15
N GLY A 4 -8.69 13.21 2.24
CA GLY A 4 -7.78 13.17 1.11
C GLY A 4 -8.22 12.21 0.03
N SER A 5 -8.17 12.66 -1.22
CA SER A 5 -8.58 11.85 -2.35
C SER A 5 -7.37 11.16 -2.98
N SER A 6 -6.96 10.05 -2.38
CA SER A 6 -5.82 9.30 -2.88
C SER A 6 -6.27 8.06 -3.64
N GLY A 7 -6.30 8.16 -4.97
CA GLY A 7 -6.71 7.04 -5.79
C GLY A 7 -7.25 7.46 -7.14
N THR A 8 -6.35 7.87 -8.03
CA THR A 8 -6.74 8.31 -9.37
C THR A 8 -6.26 7.34 -10.43
N GLY A 9 -7.17 6.51 -10.92
CA GLY A 9 -6.82 5.55 -11.95
C GLY A 9 -6.43 4.20 -11.37
N GLU A 10 -5.58 3.47 -12.09
CA GLU A 10 -5.14 2.16 -11.63
C GLU A 10 -3.68 1.92 -12.01
N LYS A 11 -3.00 1.08 -11.23
CA LYS A 11 -1.60 0.77 -11.48
C LYS A 11 -1.38 -0.74 -11.52
N PRO A 12 -0.35 -1.17 -12.27
CA PRO A 12 0.00 -2.58 -12.41
C PRO A 12 0.55 -3.18 -11.12
N HIS A 13 0.55 -2.39 -10.06
CA HIS A 13 1.06 -2.83 -8.77
C HIS A 13 0.29 -2.16 -7.62
N GLU A 14 -0.58 -2.92 -6.98
CA GLU A 14 -1.37 -2.40 -5.88
C GLU A 14 -0.95 -3.05 -4.56
N CYS A 15 -0.99 -2.27 -3.48
CA CYS A 15 -0.62 -2.77 -2.16
C CYS A 15 -1.82 -3.38 -1.46
N ARG A 16 -1.70 -4.65 -1.09
CA ARG A 16 -2.77 -5.36 -0.40
C ARG A 16 -2.77 -5.03 1.10
N GLU A 17 -1.66 -4.47 1.57
CA GLU A 17 -1.54 -4.11 2.98
C GLU A 17 -2.45 -2.94 3.33
N CYS A 18 -2.42 -1.90 2.50
CA CYS A 18 -3.23 -0.71 2.72
C CYS A 18 -4.15 -0.45 1.53
N GLY A 19 -3.61 -0.63 0.33
CA GLY A 19 -4.40 -0.40 -0.87
C GLY A 19 -3.71 0.54 -1.85
N LYS A 20 -2.54 1.04 -1.46
CA LYS A 20 -1.79 1.95 -2.31
C LYS A 20 -1.58 1.36 -3.69
N SER A 21 -0.90 2.12 -4.55
CA SER A 21 -0.63 1.67 -5.92
C SER A 21 0.62 2.35 -6.47
N PHE A 22 1.36 1.60 -7.29
CA PHE A 22 2.59 2.13 -7.89
C PHE A 22 2.71 1.68 -9.34
N SER A 23 3.11 2.61 -10.21
CA SER A 23 3.27 2.31 -11.63
C SER A 23 4.46 1.39 -11.86
N PHE A 24 5.37 1.34 -10.89
CA PHE A 24 6.55 0.49 -10.99
C PHE A 24 6.64 -0.46 -9.80
N ASN A 25 6.85 -1.74 -10.07
CA ASN A 25 6.96 -2.74 -9.02
C ASN A 25 7.95 -2.30 -7.95
N SER A 26 9.20 -2.10 -8.36
CA SER A 26 10.25 -1.68 -7.44
C SER A 26 9.69 -0.77 -6.36
N GLN A 27 8.82 0.15 -6.76
CA GLN A 27 8.20 1.10 -5.83
C GLN A 27 7.37 0.36 -4.78
N LEU A 28 6.33 -0.32 -5.23
CA LEU A 28 5.45 -1.07 -4.35
C LEU A 28 6.26 -1.91 -3.36
N ILE A 29 7.43 -2.37 -3.81
CA ILE A 29 8.29 -3.19 -2.97
C ILE A 29 8.92 -2.35 -1.86
N VAL A 30 9.36 -1.15 -2.21
CA VAL A 30 9.98 -0.25 -1.23
C VAL A 30 8.96 0.27 -0.24
N HIS A 31 7.69 0.30 -0.65
CA HIS A 31 6.62 0.77 0.20
C HIS A 31 6.18 -0.31 1.18
N GLN A 32 5.92 -1.51 0.65
CA GLN A 32 5.50 -2.63 1.48
C GLN A 32 6.44 -2.83 2.66
N ARG A 33 7.67 -2.36 2.51
CA ARG A 33 8.67 -2.48 3.57
C ARG A 33 8.24 -1.72 4.82
N ILE A 34 7.15 -0.96 4.70
CA ILE A 34 6.64 -0.18 5.82
C ILE A 34 5.68 -1.00 6.66
N HIS A 35 4.96 -1.93 6.02
CA HIS A 35 4.00 -2.78 6.72
C HIS A 35 4.73 -3.88 7.48
N THR A 36 5.43 -4.74 6.76
CA THR A 36 6.17 -5.84 7.36
C THR A 36 7.03 -5.35 8.52
N GLY A 37 7.69 -4.20 8.33
CA GLY A 37 8.54 -3.65 9.36
C GLY A 37 9.82 -4.44 9.55
N GLU A 38 10.49 -4.75 8.44
CA GLU A 38 11.72 -5.52 8.50
C GLU A 38 12.57 -5.10 9.69
N ASN A 39 12.58 -5.92 10.73
CA ASN A 39 13.35 -5.64 11.94
C ASN A 39 14.82 -5.39 11.60
N PRO A 40 15.40 -4.37 12.23
CA PRO A 40 16.81 -4.00 12.02
C PRO A 40 17.77 -5.04 12.59
N SER A 41 18.78 -5.40 11.80
CA SER A 41 19.77 -6.39 12.22
C SER A 41 20.66 -5.82 13.32
N GLY A 42 21.13 -4.59 13.12
CA GLY A 42 21.99 -3.95 14.10
C GLY A 42 21.57 -2.54 14.42
N PRO A 43 20.41 -2.40 15.08
CA PRO A 43 19.86 -1.10 15.46
C PRO A 43 20.68 -0.43 16.55
N SER A 44 21.63 0.40 16.14
CA SER A 44 22.48 1.10 17.10
C SER A 44 22.35 2.61 16.93
N SER A 45 22.67 3.11 15.73
CA SER A 45 22.59 4.52 15.44
C SER A 45 21.17 5.04 15.63
N GLY A 46 20.22 4.41 14.93
CA GLY A 46 18.83 4.82 15.04
C GLY A 46 17.88 3.64 15.03
ZN ZN B . 0.78 -0.47 1.74
N GLY A 1 -29.98 2.62 -22.07
CA GLY A 1 -29.52 3.84 -22.69
C GLY A 1 -28.02 4.03 -22.55
N SER A 2 -27.62 5.01 -21.75
CA SER A 2 -26.21 5.29 -21.55
C SER A 2 -25.57 4.24 -20.63
N SER A 3 -24.39 3.77 -21.04
CA SER A 3 -23.67 2.76 -20.26
C SER A 3 -22.21 2.68 -20.70
N GLY A 4 -21.40 2.00 -19.90
CA GLY A 4 -19.99 1.86 -20.21
C GLY A 4 -19.23 1.10 -19.14
N SER A 5 -17.90 1.13 -19.23
CA SER A 5 -17.06 0.43 -18.26
C SER A 5 -15.59 0.77 -18.48
N SER A 6 -14.75 0.41 -17.53
CA SER A 6 -13.32 0.67 -17.61
C SER A 6 -12.52 -0.63 -17.49
N GLY A 7 -11.80 -0.97 -18.55
CA GLY A 7 -11.00 -2.17 -18.55
C GLY A 7 -9.81 -2.08 -17.61
N THR A 8 -9.12 -0.95 -17.65
CA THR A 8 -7.94 -0.72 -16.80
C THR A 8 -7.78 0.76 -16.47
N GLY A 9 -7.37 1.03 -15.24
CA GLY A 9 -7.17 2.40 -14.81
C GLY A 9 -6.17 2.52 -13.68
N GLU A 10 -6.24 1.60 -12.73
CA GLU A 10 -5.34 1.61 -11.59
C GLU A 10 -3.92 1.24 -12.02
N LYS A 11 -2.99 1.31 -11.07
CA LYS A 11 -1.59 0.99 -11.35
C LYS A 11 -1.39 -0.51 -11.45
N PRO A 12 -0.37 -0.93 -12.21
CA PRO A 12 -0.06 -2.36 -12.40
C PRO A 12 0.52 -2.99 -11.13
N HIS A 13 0.53 -2.22 -10.04
CA HIS A 13 1.04 -2.71 -8.77
C HIS A 13 0.31 -2.05 -7.60
N GLU A 14 -0.58 -2.80 -6.96
CA GLU A 14 -1.33 -2.28 -5.83
C GLU A 14 -0.89 -2.95 -4.53
N CYS A 15 -0.97 -2.20 -3.43
CA CYS A 15 -0.58 -2.72 -2.12
C CYS A 15 -1.78 -3.33 -1.39
N ARG A 16 -1.73 -4.64 -1.19
CA ARG A 16 -2.80 -5.35 -0.51
C ARG A 16 -2.79 -5.06 0.98
N GLU A 17 -1.71 -4.43 1.45
CA GLU A 17 -1.56 -4.11 2.87
C GLU A 17 -2.44 -2.91 3.24
N CYS A 18 -2.33 -1.84 2.45
CA CYS A 18 -3.11 -0.62 2.70
C CYS A 18 -4.03 -0.33 1.52
N GLY A 19 -3.50 -0.47 0.31
CA GLY A 19 -4.29 -0.21 -0.88
C GLY A 19 -3.63 0.80 -1.80
N LYS A 20 -2.35 1.07 -1.58
CA LYS A 20 -1.60 2.02 -2.39
C LYS A 20 -1.43 1.50 -3.81
N SER A 21 -0.89 2.33 -4.69
CA SER A 21 -0.67 1.96 -6.07
C SER A 21 0.63 2.57 -6.60
N PHE A 22 1.44 1.76 -7.26
CA PHE A 22 2.70 2.23 -7.82
C PHE A 22 2.84 1.80 -9.28
N SER A 23 3.08 2.79 -10.15
CA SER A 23 3.22 2.52 -11.57
C SER A 23 4.32 1.50 -11.83
N PHE A 24 5.24 1.38 -10.88
CA PHE A 24 6.35 0.44 -11.00
C PHE A 24 6.37 -0.52 -9.81
N ASN A 25 6.83 -1.75 -10.05
CA ASN A 25 6.91 -2.75 -9.00
C ASN A 25 7.94 -2.36 -7.95
N SER A 26 9.19 -2.22 -8.36
CA SER A 26 10.27 -1.85 -7.45
C SER A 26 9.76 -0.88 -6.38
N GLN A 27 8.90 0.03 -6.80
CA GLN A 27 8.34 1.02 -5.88
C GLN A 27 7.50 0.35 -4.80
N LEU A 28 6.42 -0.32 -5.23
CA LEU A 28 5.53 -1.00 -4.30
C LEU A 28 6.31 -1.85 -3.32
N ILE A 29 7.47 -2.35 -3.76
CA ILE A 29 8.31 -3.18 -2.91
C ILE A 29 8.96 -2.35 -1.81
N VAL A 30 9.37 -1.14 -2.15
CA VAL A 30 10.00 -0.24 -1.20
C VAL A 30 8.99 0.28 -0.18
N HIS A 31 7.73 0.30 -0.57
CA HIS A 31 6.66 0.78 0.31
C HIS A 31 6.20 -0.33 1.26
N GLN A 32 5.95 -1.51 0.70
CA GLN A 32 5.50 -2.65 1.48
C GLN A 32 6.42 -2.89 2.67
N ARG A 33 7.66 -2.43 2.56
CA ARG A 33 8.64 -2.59 3.63
C ARG A 33 8.19 -1.85 4.88
N ILE A 34 7.12 -1.07 4.76
CA ILE A 34 6.58 -0.32 5.89
C ILE A 34 5.63 -1.16 6.71
N HIS A 35 4.92 -2.07 6.04
CA HIS A 35 3.96 -2.94 6.72
C HIS A 35 4.68 -4.05 7.47
N THR A 36 5.76 -4.56 6.89
CA THR A 36 6.54 -5.62 7.50
C THR A 36 7.87 -5.11 8.03
N GLY A 37 7.83 -3.94 8.66
CA GLY A 37 9.05 -3.34 9.20
C GLY A 37 9.45 -3.97 10.52
N GLU A 38 9.32 -5.29 10.62
CA GLU A 38 9.67 -5.99 11.84
C GLU A 38 10.89 -5.36 12.51
N ASN A 39 10.70 -4.86 13.73
CA ASN A 39 11.78 -4.22 14.47
C ASN A 39 13.08 -5.00 14.31
N PRO A 40 14.21 -4.29 14.39
CA PRO A 40 15.54 -4.89 14.26
C PRO A 40 15.89 -5.78 15.45
N SER A 41 15.70 -5.25 16.65
CA SER A 41 16.00 -5.99 17.87
C SER A 41 14.88 -5.86 18.88
N GLY A 42 13.64 -5.86 18.39
CA GLY A 42 12.49 -5.74 19.26
C GLY A 42 12.76 -4.85 20.46
N PRO A 43 12.89 -3.54 20.20
CA PRO A 43 13.16 -2.56 21.26
C PRO A 43 11.96 -2.35 22.17
N SER A 44 12.04 -1.34 23.03
CA SER A 44 10.97 -1.04 23.97
C SER A 44 9.95 -0.10 23.34
N SER A 45 10.44 0.93 22.66
CA SER A 45 9.57 1.90 22.01
C SER A 45 8.34 1.22 21.41
N GLY A 46 8.57 0.12 20.71
CA GLY A 46 7.48 -0.61 20.09
C GLY A 46 7.85 -2.04 19.75
ZN ZN B . 0.79 -0.46 1.83
N GLY A 1 -12.93 6.61 10.48
CA GLY A 1 -11.99 6.47 9.40
C GLY A 1 -11.56 7.81 8.83
N SER A 2 -10.78 7.77 7.75
CA SER A 2 -10.30 8.99 7.11
C SER A 2 -10.50 8.93 5.61
N SER A 3 -10.48 10.10 4.96
CA SER A 3 -10.67 10.18 3.51
C SER A 3 -9.34 10.01 2.79
N GLY A 4 -9.42 9.78 1.48
CA GLY A 4 -8.21 9.60 0.69
C GLY A 4 -8.52 9.44 -0.79
N SER A 5 -7.59 8.80 -1.51
CA SER A 5 -7.76 8.60 -2.94
C SER A 5 -7.63 7.11 -3.29
N SER A 6 -8.75 6.48 -3.57
CA SER A 6 -8.77 5.05 -3.91
C SER A 6 -7.56 4.70 -4.77
N GLY A 7 -7.28 5.53 -5.77
CA GLY A 7 -6.15 5.27 -6.65
C GLY A 7 -6.31 5.96 -7.99
N THR A 8 -5.65 7.10 -8.15
CA THR A 8 -5.72 7.87 -9.39
C THR A 8 -5.05 7.09 -10.53
N GLY A 9 -5.87 6.38 -11.31
CA GLY A 9 -5.35 5.60 -12.43
C GLY A 9 -4.80 4.26 -12.00
N GLU A 10 -5.64 3.24 -12.04
CA GLU A 10 -5.23 1.90 -11.65
C GLU A 10 -3.79 1.62 -12.07
N LYS A 11 -2.99 1.14 -11.12
CA LYS A 11 -1.59 0.84 -11.38
C LYS A 11 -1.37 -0.67 -11.47
N PRO A 12 -0.34 -1.07 -12.22
CA PRO A 12 0.00 -2.49 -12.40
C PRO A 12 0.57 -3.11 -11.12
N HIS A 13 0.57 -2.33 -10.04
CA HIS A 13 1.09 -2.81 -8.77
C HIS A 13 0.34 -2.15 -7.61
N GLU A 14 -0.54 -2.91 -6.96
CA GLU A 14 -1.32 -2.41 -5.84
C GLU A 14 -0.86 -3.04 -4.53
N CYS A 15 -0.98 -2.29 -3.44
CA CYS A 15 -0.58 -2.78 -2.13
C CYS A 15 -1.78 -3.38 -1.39
N ARG A 16 -1.73 -4.69 -1.17
CA ARG A 16 -2.81 -5.39 -0.48
C ARG A 16 -2.81 -5.05 1.01
N GLU A 17 -1.69 -4.52 1.48
CA GLU A 17 -1.56 -4.14 2.89
C GLU A 17 -2.45 -2.96 3.23
N CYS A 18 -2.34 -1.89 2.44
CA CYS A 18 -3.14 -0.69 2.66
C CYS A 18 -4.05 -0.43 1.47
N GLY A 19 -3.52 -0.62 0.27
CA GLY A 19 -4.30 -0.40 -0.93
C GLY A 19 -3.65 0.61 -1.86
N LYS A 20 -2.40 0.96 -1.57
CA LYS A 20 -1.67 1.93 -2.39
C LYS A 20 -1.47 1.40 -3.82
N SER A 21 -0.94 2.25 -4.69
CA SER A 21 -0.71 1.86 -6.07
C SER A 21 0.58 2.50 -6.60
N PHE A 22 1.38 1.70 -7.29
CA PHE A 22 2.64 2.18 -7.85
C PHE A 22 2.79 1.75 -9.30
N SER A 23 3.03 2.73 -10.18
CA SER A 23 3.19 2.45 -11.60
C SER A 23 4.31 1.45 -11.85
N PHE A 24 5.24 1.37 -10.90
CA PHE A 24 6.37 0.45 -11.01
C PHE A 24 6.41 -0.51 -9.81
N ASN A 25 6.86 -1.73 -10.06
CA ASN A 25 6.94 -2.74 -9.02
C ASN A 25 7.93 -2.34 -7.95
N SER A 26 9.20 -2.19 -8.34
CA SER A 26 10.26 -1.80 -7.41
C SER A 26 9.72 -0.85 -6.35
N GLN A 27 8.84 0.06 -6.76
CA GLN A 27 8.25 1.02 -5.84
C GLN A 27 7.40 0.33 -4.79
N LEU A 28 6.33 -0.34 -5.24
CA LEU A 28 5.44 -1.05 -4.33
C LEU A 28 6.22 -1.91 -3.35
N ILE A 29 7.40 -2.37 -3.78
CA ILE A 29 8.24 -3.20 -2.94
C ILE A 29 8.89 -2.38 -1.83
N VAL A 30 9.34 -1.18 -2.17
CA VAL A 30 9.97 -0.29 -1.21
C VAL A 30 8.96 0.25 -0.20
N HIS A 31 7.70 0.31 -0.62
CA HIS A 31 6.63 0.80 0.25
C HIS A 31 6.18 -0.28 1.22
N GLN A 32 5.91 -1.48 0.69
CA GLN A 32 5.46 -2.59 1.52
C GLN A 32 6.40 -2.80 2.71
N ARG A 33 7.65 -2.37 2.56
CA ARG A 33 8.65 -2.51 3.61
C ARG A 33 8.22 -1.74 4.86
N ILE A 34 7.16 -0.95 4.73
CA ILE A 34 6.64 -0.17 5.85
C ILE A 34 5.67 -0.98 6.70
N HIS A 35 5.00 -1.94 6.06
CA HIS A 35 4.05 -2.80 6.76
C HIS A 35 4.77 -3.87 7.57
N THR A 36 5.77 -4.49 6.95
CA THR A 36 6.54 -5.54 7.62
C THR A 36 7.86 -5.01 8.15
N GLY A 37 7.84 -3.77 8.65
CA GLY A 37 9.04 -3.16 9.19
C GLY A 37 8.78 -1.79 9.77
N GLU A 38 7.67 -1.64 10.47
CA GLU A 38 7.31 -0.36 11.08
C GLU A 38 6.09 -0.52 11.99
N ASN A 39 6.29 -0.26 13.28
CA ASN A 39 5.22 -0.36 14.26
C ASN A 39 5.19 0.86 15.17
N PRO A 40 4.65 1.97 14.64
CA PRO A 40 4.55 3.24 15.39
C PRO A 40 3.52 3.16 16.51
N SER A 41 2.38 2.53 16.22
CA SER A 41 1.32 2.38 17.21
C SER A 41 0.78 0.96 17.24
N GLY A 42 0.36 0.46 16.07
CA GLY A 42 -0.16 -0.89 15.99
C GLY A 42 -0.92 -1.13 14.69
N PRO A 43 -0.17 -1.17 13.57
CA PRO A 43 -0.75 -1.41 12.25
C PRO A 43 -1.27 -2.83 12.08
N SER A 44 -1.88 -3.10 10.92
CA SER A 44 -2.42 -4.43 10.65
C SER A 44 -1.30 -5.41 10.28
N SER A 45 -1.38 -6.62 10.84
CA SER A 45 -0.38 -7.64 10.59
C SER A 45 -0.72 -8.44 9.34
N GLY A 46 -1.98 -8.87 9.25
CA GLY A 46 -2.42 -9.64 8.10
C GLY A 46 -1.64 -10.93 7.94
ZN ZN B . 0.84 -0.44 1.78
N GLY A 1 -17.10 10.24 1.83
CA GLY A 1 -17.12 8.79 1.92
C GLY A 1 -16.81 8.12 0.59
N SER A 2 -15.53 8.07 0.25
CA SER A 2 -15.09 7.45 -1.00
C SER A 2 -16.05 7.80 -2.14
N SER A 3 -16.47 9.06 -2.18
CA SER A 3 -17.39 9.51 -3.22
C SER A 3 -16.64 10.19 -4.35
N GLY A 4 -16.86 9.70 -5.58
CA GLY A 4 -16.20 10.26 -6.74
C GLY A 4 -16.54 9.52 -8.01
N SER A 5 -16.54 8.20 -7.95
CA SER A 5 -16.84 7.37 -9.11
C SER A 5 -16.20 7.94 -10.37
N SER A 6 -14.95 8.38 -10.24
CA SER A 6 -14.22 8.96 -11.36
C SER A 6 -13.02 8.09 -11.73
N GLY A 7 -12.47 8.32 -12.92
CA GLY A 7 -11.33 7.55 -13.37
C GLY A 7 -10.04 7.95 -12.65
N THR A 8 -9.98 7.67 -11.36
CA THR A 8 -8.80 8.01 -10.56
C THR A 8 -7.54 7.49 -11.22
N GLY A 9 -7.56 6.22 -11.63
CA GLY A 9 -6.40 5.63 -12.27
C GLY A 9 -5.81 4.48 -11.46
N GLU A 10 -5.70 3.32 -12.09
CA GLU A 10 -5.16 2.15 -11.42
C GLU A 10 -3.72 1.90 -11.85
N LYS A 11 -3.00 1.11 -11.06
CA LYS A 11 -1.60 0.78 -11.35
C LYS A 11 -1.39 -0.72 -11.42
N PRO A 12 -0.38 -1.15 -12.18
CA PRO A 12 -0.05 -2.57 -12.34
C PRO A 12 0.53 -3.18 -11.07
N HIS A 13 0.55 -2.39 -10.00
CA HIS A 13 1.08 -2.85 -8.72
C HIS A 13 0.35 -2.18 -7.55
N GLU A 14 -0.52 -2.93 -6.90
CA GLU A 14 -1.28 -2.40 -5.77
C GLU A 14 -0.80 -3.02 -4.46
N CYS A 15 -0.89 -2.25 -3.38
CA CYS A 15 -0.46 -2.72 -2.07
C CYS A 15 -1.63 -3.35 -1.31
N ARG A 16 -1.75 -4.67 -1.40
CA ARG A 16 -2.81 -5.40 -0.73
C ARG A 16 -2.79 -5.12 0.77
N GLU A 17 -1.70 -4.54 1.25
CA GLU A 17 -1.55 -4.22 2.67
C GLU A 17 -2.47 -3.07 3.06
N CYS A 18 -2.34 -1.95 2.36
CA CYS A 18 -3.14 -0.77 2.64
C CYS A 18 -4.07 -0.45 1.46
N GLY A 19 -3.54 -0.58 0.24
CA GLY A 19 -4.32 -0.31 -0.94
C GLY A 19 -3.66 0.68 -1.87
N LYS A 20 -2.40 1.00 -1.57
CA LYS A 20 -1.64 1.94 -2.39
C LYS A 20 -1.46 1.40 -3.81
N SER A 21 -0.91 2.24 -4.69
CA SER A 21 -0.69 1.85 -6.07
C SER A 21 0.59 2.47 -6.61
N PHE A 22 1.41 1.67 -7.30
CA PHE A 22 2.67 2.14 -7.85
C PHE A 22 2.81 1.71 -9.30
N SER A 23 2.98 2.68 -10.20
CA SER A 23 3.13 2.38 -11.63
C SER A 23 4.24 1.37 -11.86
N PHE A 24 5.16 1.29 -10.91
CA PHE A 24 6.29 0.36 -11.02
C PHE A 24 6.32 -0.58 -9.82
N ASN A 25 6.84 -1.78 -10.03
CA ASN A 25 6.94 -2.79 -8.98
C ASN A 25 7.96 -2.36 -7.92
N SER A 26 9.21 -2.21 -8.34
CA SER A 26 10.28 -1.81 -7.44
C SER A 26 9.77 -0.83 -6.39
N GLN A 27 8.82 0.02 -6.79
CA GLN A 27 8.25 1.00 -5.88
C GLN A 27 7.40 0.32 -4.80
N LEU A 28 6.33 -0.33 -5.23
CA LEU A 28 5.43 -1.01 -4.31
C LEU A 28 6.23 -1.86 -3.31
N ILE A 29 7.38 -2.35 -3.75
CA ILE A 29 8.24 -3.17 -2.89
C ILE A 29 8.88 -2.32 -1.80
N VAL A 30 9.34 -1.14 -2.16
CA VAL A 30 9.97 -0.23 -1.21
C VAL A 30 8.96 0.30 -0.21
N HIS A 31 7.70 0.35 -0.61
CA HIS A 31 6.63 0.84 0.27
C HIS A 31 6.18 -0.24 1.23
N GLN A 32 5.92 -1.43 0.70
CA GLN A 32 5.48 -2.55 1.53
C GLN A 32 6.41 -2.76 2.72
N ARG A 33 7.65 -2.33 2.57
CA ARG A 33 8.64 -2.47 3.63
C ARG A 33 8.20 -1.71 4.88
N ILE A 34 7.13 -0.93 4.75
CA ILE A 34 6.62 -0.14 5.86
C ILE A 34 5.65 -0.97 6.71
N HIS A 35 5.00 -1.95 6.07
CA HIS A 35 4.05 -2.81 6.77
C HIS A 35 4.78 -3.91 7.54
N THR A 36 5.50 -4.75 6.81
CA THR A 36 6.25 -5.84 7.43
C THR A 36 7.42 -5.31 8.26
N GLY A 37 7.97 -4.17 7.84
CA GLY A 37 9.07 -3.59 8.57
C GLY A 37 8.70 -3.15 9.97
N GLU A 38 7.83 -2.15 10.06
CA GLU A 38 7.39 -1.64 11.35
C GLU A 38 5.87 -1.71 11.48
N ASN A 39 5.40 -2.45 12.48
CA ASN A 39 3.96 -2.60 12.70
C ASN A 39 3.29 -1.23 12.83
N PRO A 40 2.09 -1.11 12.23
CA PRO A 40 1.32 0.13 12.25
C PRO A 40 0.77 0.44 13.64
N SER A 41 0.82 1.73 14.01
CA SER A 41 0.33 2.15 15.32
C SER A 41 -0.99 1.46 15.66
N GLY A 42 -2.02 1.70 14.86
CA GLY A 42 -3.30 1.09 15.10
C GLY A 42 -3.20 -0.40 15.36
N PRO A 43 -3.42 -1.20 14.30
CA PRO A 43 -3.35 -2.66 14.39
C PRO A 43 -1.93 -3.17 14.61
N SER A 44 -1.81 -4.30 15.30
CA SER A 44 -0.50 -4.89 15.58
C SER A 44 -0.01 -5.72 14.39
N SER A 45 -0.78 -6.75 14.05
CA SER A 45 -0.42 -7.64 12.95
C SER A 45 0.91 -8.33 13.22
N GLY A 46 1.09 -8.79 14.45
CA GLY A 46 2.32 -9.47 14.82
C GLY A 46 2.08 -10.91 15.23
ZN ZN B . 0.82 -0.38 1.80
N GLY A 1 -20.84 8.66 6.41
CA GLY A 1 -19.84 7.60 6.36
C GLY A 1 -18.67 7.97 5.47
N SER A 2 -17.55 7.26 5.67
CA SER A 2 -16.35 7.52 4.88
C SER A 2 -16.04 6.33 3.98
N SER A 3 -17.07 5.78 3.35
CA SER A 3 -16.91 4.65 2.45
C SER A 3 -17.12 5.06 1.00
N GLY A 4 -16.55 6.21 0.64
CA GLY A 4 -16.69 6.71 -0.73
C GLY A 4 -15.36 6.80 -1.44
N SER A 5 -15.03 7.99 -1.95
CA SER A 5 -13.79 8.20 -2.66
C SER A 5 -13.57 7.11 -3.71
N SER A 6 -14.64 6.78 -4.43
CA SER A 6 -14.57 5.76 -5.47
C SER A 6 -13.43 6.04 -6.44
N GLY A 7 -12.50 5.10 -6.54
CA GLY A 7 -11.36 5.27 -7.43
C GLY A 7 -10.29 6.17 -6.85
N THR A 8 -9.11 5.62 -6.63
CA THR A 8 -7.99 6.38 -6.07
C THR A 8 -6.80 6.38 -7.02
N GLY A 9 -6.52 5.23 -7.61
CA GLY A 9 -5.40 5.12 -8.53
C GLY A 9 -5.33 3.75 -9.20
N GLU A 10 -5.07 3.75 -10.50
CA GLU A 10 -4.98 2.50 -11.25
C GLU A 10 -3.53 2.23 -11.69
N LYS A 11 -2.91 1.25 -11.06
CA LYS A 11 -1.53 0.88 -11.38
C LYS A 11 -1.37 -0.63 -11.46
N PRO A 12 -0.38 -1.08 -12.25
CA PRO A 12 -0.10 -2.51 -12.43
C PRO A 12 0.48 -3.15 -11.18
N HIS A 13 0.53 -2.38 -10.09
CA HIS A 13 1.07 -2.88 -8.83
C HIS A 13 0.33 -2.24 -7.65
N GLU A 14 -0.54 -3.02 -7.02
CA GLU A 14 -1.31 -2.53 -5.88
C GLU A 14 -0.80 -3.15 -4.57
N CYS A 15 -0.93 -2.41 -3.49
CA CYS A 15 -0.48 -2.88 -2.18
C CYS A 15 -1.60 -3.63 -1.46
N ARG A 16 -1.37 -4.90 -1.17
CA ARG A 16 -2.36 -5.72 -0.48
C ARG A 16 -2.26 -5.54 1.03
N GLU A 17 -1.74 -4.39 1.45
CA GLU A 17 -1.60 -4.09 2.86
C GLU A 17 -2.40 -2.86 3.24
N CYS A 18 -2.44 -1.88 2.35
CA CYS A 18 -3.18 -0.65 2.59
C CYS A 18 -4.12 -0.34 1.42
N GLY A 19 -3.66 -0.60 0.20
CA GLY A 19 -4.47 -0.35 -0.97
C GLY A 19 -3.83 0.67 -1.90
N LYS A 20 -2.54 0.91 -1.73
CA LYS A 20 -1.81 1.86 -2.56
C LYS A 20 -1.58 1.30 -3.96
N SER A 21 -1.07 2.14 -4.85
CA SER A 21 -0.80 1.73 -6.22
C SER A 21 0.47 2.38 -6.74
N PHE A 22 1.32 1.59 -7.38
CA PHE A 22 2.58 2.08 -7.93
C PHE A 22 2.74 1.67 -9.39
N SER A 23 3.04 2.64 -10.24
CA SER A 23 3.21 2.37 -11.67
C SER A 23 4.32 1.36 -11.89
N PHE A 24 5.25 1.27 -10.94
CA PHE A 24 6.37 0.34 -11.04
C PHE A 24 6.40 -0.59 -9.84
N ASN A 25 6.87 -1.82 -10.05
CA ASN A 25 6.96 -2.81 -8.99
C ASN A 25 7.96 -2.38 -7.93
N SER A 26 9.21 -2.20 -8.33
CA SER A 26 10.27 -1.80 -7.41
C SER A 26 9.73 -0.84 -6.34
N GLN A 27 8.82 0.03 -6.76
CA GLN A 27 8.22 1.00 -5.85
C GLN A 27 7.37 0.30 -4.80
N LEU A 28 6.31 -0.36 -5.25
CA LEU A 28 5.41 -1.08 -4.34
C LEU A 28 6.20 -1.92 -3.35
N ILE A 29 7.36 -2.40 -3.78
CA ILE A 29 8.22 -3.22 -2.92
C ILE A 29 8.86 -2.39 -1.82
N VAL A 30 9.30 -1.19 -2.18
CA VAL A 30 9.94 -0.28 -1.22
C VAL A 30 8.91 0.27 -0.24
N HIS A 31 7.65 0.30 -0.65
CA HIS A 31 6.58 0.81 0.20
C HIS A 31 6.12 -0.25 1.19
N GLN A 32 5.85 -1.45 0.69
CA GLN A 32 5.41 -2.55 1.54
C GLN A 32 6.35 -2.74 2.73
N ARG A 33 7.59 -2.29 2.56
CA ARG A 33 8.58 -2.41 3.62
C ARG A 33 8.17 -1.61 4.85
N ILE A 34 7.10 -0.84 4.72
CA ILE A 34 6.60 -0.03 5.82
C ILE A 34 5.63 -0.81 6.70
N HIS A 35 4.93 -1.77 6.08
CA HIS A 35 3.98 -2.59 6.81
C HIS A 35 4.69 -3.67 7.61
N THR A 36 5.50 -4.48 6.93
CA THR A 36 6.24 -5.55 7.58
C THR A 36 7.24 -4.99 8.58
N GLY A 37 6.73 -4.54 9.72
CA GLY A 37 7.59 -3.98 10.75
C GLY A 37 6.81 -3.35 11.88
N GLU A 38 5.81 -2.55 11.53
CA GLU A 38 4.99 -1.87 12.53
C GLU A 38 3.99 -2.84 13.16
N ASN A 39 3.76 -2.69 14.46
CA ASN A 39 2.84 -3.55 15.17
C ASN A 39 1.65 -2.75 15.71
N PRO A 40 0.45 -3.36 15.66
CA PRO A 40 -0.78 -2.72 16.13
C PRO A 40 -0.81 -2.57 17.65
N SER A 41 0.30 -2.92 18.30
CA SER A 41 0.40 -2.83 19.74
C SER A 41 -0.57 -3.79 20.43
N GLY A 42 -0.48 -5.07 20.04
CA GLY A 42 -1.36 -6.07 20.62
C GLY A 42 -0.70 -7.43 20.69
N PRO A 43 -0.51 -8.07 19.52
CA PRO A 43 0.11 -9.39 19.43
C PRO A 43 1.59 -9.36 19.78
N SER A 44 1.90 -9.36 21.07
CA SER A 44 3.28 -9.32 21.53
C SER A 44 3.69 -10.68 22.10
N SER A 45 2.81 -11.27 22.90
CA SER A 45 3.09 -12.56 23.51
C SER A 45 2.21 -13.65 22.90
N GLY A 46 2.80 -14.82 22.64
CA GLY A 46 2.06 -15.91 22.06
C GLY A 46 1.53 -16.87 23.10
ZN ZN B . 0.86 -0.36 1.67
N GLY A 1 -26.36 4.17 -0.58
CA GLY A 1 -26.08 3.72 -1.94
C GLY A 1 -24.64 3.94 -2.34
N SER A 2 -23.90 2.85 -2.49
CA SER A 2 -22.49 2.93 -2.86
C SER A 2 -22.22 2.10 -4.12
N SER A 3 -21.09 2.36 -4.75
CA SER A 3 -20.71 1.64 -5.96
C SER A 3 -19.73 0.52 -5.65
N GLY A 4 -19.36 -0.25 -6.66
CA GLY A 4 -18.43 -1.34 -6.47
C GLY A 4 -16.98 -0.88 -6.48
N SER A 5 -16.30 -1.12 -7.59
CA SER A 5 -14.90 -0.73 -7.72
C SER A 5 -14.67 0.08 -8.99
N SER A 6 -13.55 0.78 -9.05
CA SER A 6 -13.21 1.61 -10.20
C SER A 6 -12.28 0.85 -11.14
N GLY A 7 -12.68 0.76 -12.41
CA GLY A 7 -11.87 0.07 -13.40
C GLY A 7 -10.69 0.90 -13.86
N THR A 8 -10.81 1.51 -15.03
CA THR A 8 -9.74 2.34 -15.59
C THR A 8 -9.13 3.24 -14.51
N GLY A 9 -7.81 3.33 -14.50
CA GLY A 9 -7.13 4.17 -13.53
C GLY A 9 -6.56 3.36 -12.37
N GLU A 10 -5.93 2.24 -12.69
CA GLU A 10 -5.34 1.38 -11.67
C GLU A 10 -3.91 0.98 -12.06
N LYS A 11 -2.97 1.24 -11.16
CA LYS A 11 -1.57 0.90 -11.40
C LYS A 11 -1.37 -0.61 -11.45
N PRO A 12 -0.35 -1.05 -12.19
CA PRO A 12 -0.03 -2.47 -12.33
C PRO A 12 0.51 -3.07 -11.04
N HIS A 13 0.52 -2.28 -9.98
CA HIS A 13 1.01 -2.73 -8.68
C HIS A 13 0.24 -2.07 -7.54
N GLU A 14 -0.64 -2.84 -6.91
CA GLU A 14 -1.44 -2.33 -5.81
C GLU A 14 -0.99 -2.93 -4.48
N CYS A 15 -1.03 -2.13 -3.43
CA CYS A 15 -0.63 -2.59 -2.10
C CYS A 15 -1.81 -3.20 -1.36
N ARG A 16 -1.88 -4.54 -1.37
CA ARG A 16 -2.96 -5.25 -0.70
C ARG A 16 -2.92 -5.00 0.80
N GLU A 17 -1.81 -4.44 1.28
CA GLU A 17 -1.64 -4.16 2.69
C GLU A 17 -2.53 -2.99 3.13
N CYS A 18 -2.38 -1.86 2.45
CA CYS A 18 -3.16 -0.67 2.76
C CYS A 18 -4.11 -0.33 1.62
N GLY A 19 -3.62 -0.46 0.39
CA GLY A 19 -4.44 -0.17 -0.78
C GLY A 19 -3.74 0.75 -1.76
N LYS A 20 -2.56 1.23 -1.38
CA LYS A 20 -1.80 2.13 -2.24
C LYS A 20 -1.58 1.51 -3.63
N SER A 21 -0.85 2.21 -4.48
CA SER A 21 -0.57 1.72 -5.83
C SER A 21 0.66 2.41 -6.40
N PHE A 22 1.43 1.65 -7.19
CA PHE A 22 2.64 2.18 -7.81
C PHE A 22 2.75 1.74 -9.27
N SER A 23 3.19 2.66 -10.13
CA SER A 23 3.34 2.37 -11.55
C SER A 23 4.48 1.40 -11.79
N PHE A 24 5.45 1.39 -10.87
CA PHE A 24 6.60 0.51 -10.98
C PHE A 24 6.69 -0.43 -9.78
N ASN A 25 6.89 -1.71 -10.05
CA ASN A 25 6.99 -2.71 -8.99
C ASN A 25 8.00 -2.28 -7.94
N SER A 26 9.25 -2.09 -8.35
CA SER A 26 10.30 -1.68 -7.43
C SER A 26 9.76 -0.75 -6.35
N GLN A 27 8.87 0.16 -6.76
CA GLN A 27 8.27 1.11 -5.83
C GLN A 27 7.43 0.39 -4.78
N LEU A 28 6.36 -0.27 -5.24
CA LEU A 28 5.47 -1.00 -4.36
C LEU A 28 6.26 -1.87 -3.39
N ILE A 29 7.42 -2.34 -3.83
CA ILE A 29 8.28 -3.18 -3.01
C ILE A 29 8.93 -2.38 -1.89
N VAL A 30 9.37 -1.17 -2.22
CA VAL A 30 10.02 -0.30 -1.24
C VAL A 30 9.01 0.23 -0.23
N HIS A 31 7.74 0.28 -0.63
CA HIS A 31 6.68 0.76 0.24
C HIS A 31 6.22 -0.34 1.20
N GLN A 32 5.93 -1.51 0.65
CA GLN A 32 5.47 -2.64 1.46
C GLN A 32 6.43 -2.89 2.62
N ARG A 33 7.67 -2.44 2.47
CA ARG A 33 8.68 -2.62 3.51
C ARG A 33 8.29 -1.87 4.77
N ILE A 34 7.21 -1.09 4.69
CA ILE A 34 6.75 -0.31 5.83
C ILE A 34 5.78 -1.12 6.68
N HIS A 35 5.06 -2.03 6.04
CA HIS A 35 4.09 -2.88 6.75
C HIS A 35 4.80 -3.96 7.53
N THR A 36 5.74 -4.65 6.88
CA THR A 36 6.50 -5.72 7.52
C THR A 36 7.70 -5.17 8.27
N GLY A 37 7.55 -3.97 8.83
CA GLY A 37 8.64 -3.36 9.57
C GLY A 37 8.31 -3.18 11.05
N GLU A 38 7.07 -2.81 11.33
CA GLU A 38 6.63 -2.61 12.71
C GLU A 38 6.11 -3.91 13.32
N ASN A 39 6.78 -4.36 14.38
CA ASN A 39 6.38 -5.59 15.04
C ASN A 39 4.86 -5.73 15.09
N PRO A 40 4.37 -6.97 14.97
CA PRO A 40 2.94 -7.26 14.99
C PRO A 40 2.33 -7.07 16.38
N SER A 41 1.03 -6.79 16.41
CA SER A 41 0.33 -6.59 17.67
C SER A 41 0.27 -7.87 18.49
N GLY A 42 0.81 -7.82 19.71
CA GLY A 42 0.82 -8.98 20.56
C GLY A 42 1.38 -10.20 19.88
N PRO A 43 2.70 -10.20 19.65
CA PRO A 43 3.39 -11.32 18.99
C PRO A 43 3.45 -12.57 19.87
N SER A 44 3.72 -13.71 19.25
CA SER A 44 3.79 -14.97 19.98
C SER A 44 4.53 -14.80 21.29
N SER A 45 4.22 -15.65 22.26
CA SER A 45 4.85 -15.58 23.58
C SER A 45 6.32 -15.18 23.45
N GLY A 46 7.05 -15.89 22.60
CA GLY A 46 8.46 -15.59 22.40
C GLY A 46 8.69 -14.14 22.02
ZN ZN B . 0.89 -0.34 1.82
N GLY A 1 -23.18 18.06 -5.64
CA GLY A 1 -22.64 16.84 -6.22
C GLY A 1 -22.11 17.07 -7.63
N SER A 2 -20.85 17.47 -7.72
CA SER A 2 -20.23 17.72 -9.03
C SER A 2 -18.93 16.94 -9.17
N SER A 3 -18.96 15.68 -8.73
CA SER A 3 -17.79 14.82 -8.81
C SER A 3 -18.15 13.46 -9.39
N GLY A 4 -17.13 12.68 -9.76
CA GLY A 4 -17.36 11.37 -10.32
C GLY A 4 -16.14 10.83 -11.04
N SER A 5 -16.33 9.73 -11.77
CA SER A 5 -15.23 9.11 -12.51
C SER A 5 -14.14 8.62 -11.56
N SER A 6 -14.56 8.01 -10.45
CA SER A 6 -13.64 7.49 -9.46
C SER A 6 -12.68 6.48 -10.07
N GLY A 7 -11.44 6.48 -9.61
CA GLY A 7 -10.45 5.56 -10.14
C GLY A 7 -10.21 5.74 -11.62
N THR A 8 -9.02 6.18 -11.98
CA THR A 8 -8.66 6.40 -13.38
C THR A 8 -7.43 5.61 -13.77
N GLY A 9 -7.64 4.47 -14.40
CA GLY A 9 -6.52 3.63 -14.82
C GLY A 9 -5.60 3.28 -13.67
N GLU A 10 -6.03 2.33 -12.83
CA GLU A 10 -5.23 1.90 -11.69
C GLU A 10 -3.81 1.58 -12.11
N LYS A 11 -2.98 1.22 -11.14
CA LYS A 11 -1.58 0.89 -11.40
C LYS A 11 -1.38 -0.61 -11.47
N PRO A 12 -0.36 -1.05 -12.22
CA PRO A 12 -0.05 -2.47 -12.38
C PRO A 12 0.51 -3.09 -11.10
N HIS A 13 0.52 -2.31 -10.02
CA HIS A 13 1.02 -2.79 -8.74
C HIS A 13 0.27 -2.13 -7.59
N GLU A 14 -0.62 -2.90 -6.96
CA GLU A 14 -1.41 -2.40 -5.85
C GLU A 14 -0.92 -2.99 -4.52
N CYS A 15 -1.03 -2.21 -3.46
CA CYS A 15 -0.61 -2.65 -2.13
C CYS A 15 -1.77 -3.28 -1.37
N ARG A 16 -1.85 -4.61 -1.42
CA ARG A 16 -2.92 -5.33 -0.73
C ARG A 16 -2.84 -5.11 0.78
N GLU A 17 -1.76 -4.48 1.22
CA GLU A 17 -1.58 -4.20 2.64
C GLU A 17 -2.47 -3.05 3.09
N CYS A 18 -2.36 -1.92 2.41
CA CYS A 18 -3.16 -0.75 2.75
C CYS A 18 -4.10 -0.38 1.60
N GLY A 19 -3.60 -0.48 0.38
CA GLY A 19 -4.40 -0.15 -0.78
C GLY A 19 -3.68 0.75 -1.77
N LYS A 20 -2.50 1.22 -1.37
CA LYS A 20 -1.71 2.10 -2.21
C LYS A 20 -1.54 1.52 -3.61
N SER A 21 -0.87 2.25 -4.49
CA SER A 21 -0.64 1.80 -5.85
C SER A 21 0.62 2.45 -6.43
N PHE A 22 1.38 1.67 -7.19
CA PHE A 22 2.61 2.17 -7.80
C PHE A 22 2.70 1.72 -9.26
N SER A 23 3.12 2.64 -10.12
CA SER A 23 3.26 2.34 -11.54
C SER A 23 4.31 1.27 -11.79
N PHE A 24 5.33 1.25 -10.93
CA PHE A 24 6.41 0.29 -11.04
C PHE A 24 6.48 -0.61 -9.81
N ASN A 25 6.88 -1.86 -10.01
CA ASN A 25 6.98 -2.81 -8.90
C ASN A 25 8.00 -2.34 -7.88
N SER A 26 9.25 -2.17 -8.32
CA SER A 26 10.32 -1.74 -7.43
C SER A 26 9.79 -0.76 -6.37
N GLN A 27 8.85 0.08 -6.78
CA GLN A 27 8.27 1.07 -5.88
C GLN A 27 7.44 0.38 -4.80
N LEU A 28 6.35 -0.26 -5.22
CA LEU A 28 5.47 -0.95 -4.29
C LEU A 28 6.27 -1.81 -3.32
N ILE A 29 7.42 -2.29 -3.77
CA ILE A 29 8.28 -3.11 -2.93
C ILE A 29 8.94 -2.30 -1.84
N VAL A 30 9.36 -1.08 -2.19
CA VAL A 30 10.00 -0.19 -1.23
C VAL A 30 9.01 0.33 -0.20
N HIS A 31 7.73 0.36 -0.58
CA HIS A 31 6.67 0.83 0.30
C HIS A 31 6.22 -0.27 1.25
N GLN A 32 5.94 -1.44 0.69
CA GLN A 32 5.50 -2.59 1.48
C GLN A 32 6.44 -2.84 2.65
N ARG A 33 7.69 -2.38 2.51
CA ARG A 33 8.69 -2.56 3.55
C ARG A 33 8.29 -1.82 4.82
N ILE A 34 7.22 -1.04 4.73
CA ILE A 34 6.73 -0.28 5.88
C ILE A 34 5.76 -1.11 6.73
N HIS A 35 5.07 -2.04 6.07
CA HIS A 35 4.11 -2.90 6.76
C HIS A 35 4.82 -4.01 7.52
N THR A 36 5.53 -4.87 6.79
CA THR A 36 6.26 -5.97 7.40
C THR A 36 7.16 -5.48 8.53
N GLY A 37 7.81 -4.34 8.30
CA GLY A 37 8.70 -3.78 9.31
C GLY A 37 8.04 -3.69 10.67
N GLU A 38 6.91 -2.97 10.74
CA GLU A 38 6.19 -2.80 11.99
C GLU A 38 4.73 -3.19 11.83
N ASN A 39 4.18 -3.83 12.86
CA ASN A 39 2.78 -4.26 12.84
C ASN A 39 1.94 -3.43 13.80
N PRO A 40 1.56 -2.22 13.38
CA PRO A 40 0.74 -1.32 14.20
C PRO A 40 -0.68 -1.82 14.38
N SER A 41 -1.53 -1.01 15.00
CA SER A 41 -2.91 -1.37 15.24
C SER A 41 -3.79 -0.94 14.07
N GLY A 42 -3.20 -0.86 12.89
CA GLY A 42 -3.94 -0.46 11.70
C GLY A 42 -4.36 -1.64 10.86
N PRO A 43 -3.40 -2.25 10.14
CA PRO A 43 -3.66 -3.41 9.28
C PRO A 43 -4.00 -4.66 10.09
N SER A 44 -4.64 -5.62 9.43
CA SER A 44 -5.01 -6.87 10.07
C SER A 44 -3.93 -7.31 11.06
N SER A 45 -4.36 -7.96 12.15
CA SER A 45 -3.44 -8.43 13.17
C SER A 45 -2.88 -9.80 12.81
N GLY A 46 -1.82 -10.21 13.50
CA GLY A 46 -1.21 -11.49 13.24
C GLY A 46 0.27 -11.52 13.59
ZN ZN B . 0.84 -0.42 1.74
N GLY A 1 -27.24 3.09 -3.12
CA GLY A 1 -26.12 3.97 -2.84
C GLY A 1 -25.34 4.34 -4.08
N SER A 2 -24.79 3.34 -4.75
CA SER A 2 -24.02 3.56 -5.97
C SER A 2 -23.17 4.83 -5.85
N SER A 3 -22.56 5.01 -4.68
CA SER A 3 -21.73 6.18 -4.42
C SER A 3 -20.86 5.97 -3.20
N GLY A 4 -19.76 6.73 -3.11
CA GLY A 4 -18.86 6.62 -1.99
C GLY A 4 -17.42 6.41 -2.43
N SER A 5 -17.22 5.57 -3.42
CA SER A 5 -15.88 5.28 -3.92
C SER A 5 -15.75 5.69 -5.39
N SER A 6 -14.54 6.05 -5.79
CA SER A 6 -14.28 6.47 -7.16
C SER A 6 -12.80 6.33 -7.50
N GLY A 7 -12.49 5.43 -8.44
CA GLY A 7 -11.12 5.22 -8.85
C GLY A 7 -10.30 4.52 -7.78
N THR A 8 -9.67 3.41 -8.15
CA THR A 8 -8.86 2.65 -7.21
C THR A 8 -7.94 1.67 -7.94
N GLY A 9 -6.71 1.55 -7.46
CA GLY A 9 -5.76 0.64 -8.08
C GLY A 9 -5.50 0.99 -9.54
N GLU A 10 -5.16 2.24 -9.78
CA GLU A 10 -4.88 2.70 -11.15
C GLU A 10 -3.43 2.44 -11.53
N LYS A 11 -2.92 1.29 -11.11
CA LYS A 11 -1.54 0.92 -11.40
C LYS A 11 -1.39 -0.60 -11.47
N PRO A 12 -0.39 -1.06 -12.24
CA PRO A 12 -0.12 -2.50 -12.42
C PRO A 12 0.44 -3.13 -11.15
N HIS A 13 0.49 -2.35 -10.08
CA HIS A 13 1.00 -2.84 -8.80
C HIS A 13 0.27 -2.18 -7.63
N GLU A 14 -0.63 -2.94 -7.00
CA GLU A 14 -1.40 -2.44 -5.86
C GLU A 14 -0.91 -3.05 -4.56
N CYS A 15 -0.97 -2.26 -3.49
CA CYS A 15 -0.54 -2.72 -2.18
C CYS A 15 -1.69 -3.39 -1.42
N ARG A 16 -1.78 -4.71 -1.52
CA ARG A 16 -2.84 -5.46 -0.85
C ARG A 16 -2.80 -5.21 0.65
N GLU A 17 -1.72 -4.60 1.12
CA GLU A 17 -1.57 -4.31 2.54
C GLU A 17 -2.49 -3.17 2.97
N CYS A 18 -2.40 -2.05 2.26
CA CYS A 18 -3.22 -0.88 2.57
C CYS A 18 -4.14 -0.55 1.41
N GLY A 19 -3.62 -0.64 0.19
CA GLY A 19 -4.41 -0.35 -0.99
C GLY A 19 -3.69 0.57 -1.97
N LYS A 20 -2.54 1.09 -1.55
CA LYS A 20 -1.75 1.98 -2.39
C LYS A 20 -1.57 1.39 -3.78
N SER A 21 -0.91 2.15 -4.65
CA SER A 21 -0.66 1.71 -6.02
C SER A 21 0.60 2.37 -6.59
N PHE A 22 1.38 1.58 -7.32
CA PHE A 22 2.61 2.08 -7.91
C PHE A 22 2.73 1.64 -9.37
N SER A 23 3.15 2.56 -10.23
CA SER A 23 3.30 2.27 -11.65
C SER A 23 4.36 1.20 -11.88
N PHE A 24 5.34 1.15 -10.98
CA PHE A 24 6.42 0.16 -11.09
C PHE A 24 6.47 -0.71 -9.84
N ASN A 25 6.75 -2.00 -10.03
CA ASN A 25 6.83 -2.94 -8.91
C ASN A 25 7.88 -2.48 -7.90
N SER A 26 9.12 -2.35 -8.36
CA SER A 26 10.21 -1.92 -7.50
C SER A 26 9.72 -0.93 -6.44
N GLN A 27 8.85 -0.02 -6.86
CA GLN A 27 8.30 0.98 -5.95
C GLN A 27 7.47 0.33 -4.85
N LEU A 28 6.37 -0.29 -5.24
CA LEU A 28 5.48 -0.95 -4.29
C LEU A 28 6.29 -1.78 -3.29
N ILE A 29 7.43 -2.28 -3.73
CA ILE A 29 8.29 -3.07 -2.85
C ILE A 29 8.92 -2.21 -1.77
N VAL A 30 9.37 -1.02 -2.15
CA VAL A 30 9.99 -0.10 -1.22
C VAL A 30 8.98 0.44 -0.20
N HIS A 31 7.71 0.45 -0.61
CA HIS A 31 6.63 0.93 0.26
C HIS A 31 6.18 -0.16 1.22
N GLN A 32 5.93 -1.35 0.70
CA GLN A 32 5.49 -2.47 1.51
C GLN A 32 6.43 -2.68 2.71
N ARG A 33 7.66 -2.22 2.56
CA ARG A 33 8.65 -2.35 3.62
C ARG A 33 8.22 -1.59 4.87
N ILE A 34 7.14 -0.82 4.75
CA ILE A 34 6.62 -0.05 5.86
C ILE A 34 5.64 -0.87 6.70
N HIS A 35 4.95 -1.79 6.04
CA HIS A 35 3.99 -2.65 6.73
C HIS A 35 4.69 -3.74 7.53
N THR A 36 5.50 -4.54 6.85
CA THR A 36 6.24 -5.61 7.51
C THR A 36 7.32 -5.06 8.43
N GLY A 37 7.98 -4.00 7.98
CA GLY A 37 9.03 -3.38 8.78
C GLY A 37 8.54 -2.94 10.14
N GLU A 38 7.45 -2.18 10.15
CA GLU A 38 6.88 -1.68 11.40
C GLU A 38 6.69 -2.81 12.40
N ASN A 39 6.89 -2.50 13.68
CA ASN A 39 6.73 -3.50 14.74
C ASN A 39 5.27 -3.86 14.93
N PRO A 40 5.01 -5.13 15.27
CA PRO A 40 3.66 -5.63 15.50
C PRO A 40 3.04 -5.07 16.77
N SER A 41 1.75 -5.34 16.98
CA SER A 41 1.04 -4.87 18.16
C SER A 41 0.96 -5.94 19.22
N GLY A 42 2.07 -6.66 19.42
CA GLY A 42 2.11 -7.72 20.40
C GLY A 42 2.74 -8.99 19.88
N PRO A 43 4.08 -8.97 19.73
CA PRO A 43 4.83 -10.12 19.23
C PRO A 43 4.86 -11.28 20.23
N SER A 44 5.40 -12.41 19.79
CA SER A 44 5.48 -13.59 20.65
C SER A 44 6.89 -13.74 21.22
N SER A 45 7.48 -12.63 21.63
CA SER A 45 8.83 -12.64 22.19
C SER A 45 9.12 -11.34 22.93
N GLY A 46 9.62 -11.46 24.16
CA GLY A 46 9.94 -10.29 24.95
C GLY A 46 10.48 -9.16 24.11
ZN ZN B . 0.84 -0.41 1.67
N GLY A 1 -13.64 16.07 4.03
CA GLY A 1 -14.33 15.66 2.83
C GLY A 1 -13.37 15.33 1.69
N SER A 2 -13.69 14.28 0.95
CA SER A 2 -12.84 13.85 -0.17
C SER A 2 -13.65 13.79 -1.46
N SER A 3 -13.70 14.90 -2.17
CA SER A 3 -14.45 14.97 -3.43
C SER A 3 -13.61 15.63 -4.52
N GLY A 4 -13.96 15.36 -5.78
CA GLY A 4 -13.23 15.94 -6.89
C GLY A 4 -13.45 15.18 -8.18
N SER A 5 -12.55 15.37 -9.13
CA SER A 5 -12.64 14.68 -10.43
C SER A 5 -11.61 13.57 -10.53
N SER A 6 -12.07 12.39 -10.94
CA SER A 6 -11.19 11.23 -11.08
C SER A 6 -11.06 10.82 -12.54
N GLY A 7 -9.84 10.63 -12.99
CA GLY A 7 -9.60 10.25 -14.37
C GLY A 7 -8.30 9.47 -14.54
N THR A 8 -8.16 8.38 -13.79
CA THR A 8 -6.97 7.55 -13.87
C THR A 8 -7.26 6.12 -13.44
N GLY A 9 -6.91 5.17 -14.30
CA GLY A 9 -7.16 3.77 -14.00
C GLY A 9 -6.38 3.31 -12.78
N GLU A 10 -6.11 2.00 -12.70
CA GLU A 10 -5.39 1.43 -11.58
C GLU A 10 -3.97 1.06 -11.99
N LYS A 11 -3.02 1.26 -11.08
CA LYS A 11 -1.62 0.94 -11.35
C LYS A 11 -1.41 -0.57 -11.43
N PRO A 12 -0.39 -0.99 -12.19
CA PRO A 12 -0.06 -2.41 -12.35
C PRO A 12 0.50 -3.03 -11.09
N HIS A 13 0.52 -2.26 -10.01
CA HIS A 13 1.02 -2.73 -8.72
C HIS A 13 0.28 -2.07 -7.57
N GLU A 14 -0.61 -2.83 -6.93
CA GLU A 14 -1.37 -2.31 -5.80
C GLU A 14 -0.93 -2.96 -4.50
N CYS A 15 -0.96 -2.19 -3.41
CA CYS A 15 -0.56 -2.68 -2.11
C CYS A 15 -1.76 -3.27 -1.36
N ARG A 16 -1.87 -4.60 -1.39
CA ARG A 16 -2.96 -5.29 -0.71
C ARG A 16 -2.92 -5.04 0.79
N GLU A 17 -1.82 -4.47 1.26
CA GLU A 17 -1.65 -4.18 2.68
C GLU A 17 -2.52 -2.99 3.09
N CYS A 18 -2.36 -1.88 2.39
CA CYS A 18 -3.12 -0.67 2.68
C CYS A 18 -4.06 -0.32 1.53
N GLY A 19 -3.55 -0.44 0.30
CA GLY A 19 -4.35 -0.13 -0.86
C GLY A 19 -3.67 0.86 -1.79
N LYS A 20 -2.39 1.11 -1.55
CA LYS A 20 -1.62 2.05 -2.37
C LYS A 20 -1.45 1.51 -3.78
N SER A 21 -0.91 2.35 -4.66
CA SER A 21 -0.69 1.96 -6.05
C SER A 21 0.60 2.57 -6.60
N PHE A 22 1.41 1.75 -7.25
CA PHE A 22 2.67 2.21 -7.81
C PHE A 22 2.80 1.79 -9.27
N SER A 23 3.06 2.76 -10.15
CA SER A 23 3.20 2.49 -11.57
C SER A 23 4.31 1.48 -11.83
N PHE A 24 5.23 1.36 -10.87
CA PHE A 24 6.34 0.43 -10.99
C PHE A 24 6.40 -0.52 -9.79
N ASN A 25 6.87 -1.74 -10.02
CA ASN A 25 6.97 -2.73 -8.96
C ASN A 25 8.00 -2.31 -7.93
N SER A 26 9.25 -2.16 -8.36
CA SER A 26 10.33 -1.76 -7.46
C SER A 26 9.81 -0.82 -6.37
N GLN A 27 8.89 0.06 -6.76
CA GLN A 27 8.31 1.03 -5.83
C GLN A 27 7.48 0.32 -4.76
N LEU A 28 6.40 -0.31 -5.18
CA LEU A 28 5.51 -1.03 -4.27
C LEU A 28 6.32 -1.87 -3.30
N ILE A 29 7.46 -2.37 -3.75
CA ILE A 29 8.32 -3.20 -2.92
C ILE A 29 8.97 -2.38 -1.81
N VAL A 30 9.40 -1.17 -2.15
CA VAL A 30 10.04 -0.28 -1.18
C VAL A 30 9.03 0.24 -0.18
N HIS A 31 7.76 0.27 -0.58
CA HIS A 31 6.70 0.75 0.30
C HIS A 31 6.24 -0.34 1.26
N GLN A 32 5.98 -1.53 0.71
CA GLN A 32 5.55 -2.66 1.52
C GLN A 32 6.47 -2.87 2.71
N ARG A 33 7.71 -2.42 2.58
CA ARG A 33 8.70 -2.56 3.64
C ARG A 33 8.26 -1.81 4.88
N ILE A 34 7.19 -1.04 4.76
CA ILE A 34 6.67 -0.27 5.89
C ILE A 34 5.69 -1.09 6.72
N HIS A 35 5.04 -2.06 6.08
CA HIS A 35 4.08 -2.92 6.76
C HIS A 35 4.80 -4.02 7.53
N THR A 36 5.57 -4.83 6.82
CA THR A 36 6.31 -5.93 7.44
C THR A 36 7.22 -5.41 8.56
N GLY A 37 7.92 -4.32 8.29
CA GLY A 37 8.81 -3.74 9.28
C GLY A 37 8.06 -3.19 10.48
N GLU A 38 7.30 -2.12 10.27
CA GLU A 38 6.54 -1.50 11.34
C GLU A 38 5.05 -1.50 11.03
N ASN A 39 4.24 -1.06 11.99
CA ASN A 39 2.80 -1.01 11.80
C ASN A 39 2.27 -2.35 11.30
N PRO A 40 2.65 -3.43 12.00
CA PRO A 40 2.22 -4.79 11.64
C PRO A 40 0.73 -5.02 11.91
N SER A 41 0.28 -4.64 13.09
CA SER A 41 -1.12 -4.80 13.47
C SER A 41 -1.74 -3.46 13.84
N GLY A 42 -1.51 -2.45 13.01
CA GLY A 42 -2.05 -1.14 13.27
C GLY A 42 -2.04 -0.78 14.75
N PRO A 43 -0.83 -0.64 15.32
CA PRO A 43 -0.66 -0.30 16.72
C PRO A 43 -1.07 1.13 17.04
N SER A 44 -0.91 2.02 16.06
CA SER A 44 -1.27 3.42 16.23
C SER A 44 -2.74 3.66 15.87
N SER A 45 -3.18 3.05 14.78
CA SER A 45 -4.55 3.19 14.32
C SER A 45 -5.52 2.58 15.33
N GLY A 46 -5.32 1.31 15.64
CA GLY A 46 -6.19 0.63 16.59
C GLY A 46 -5.75 -0.80 16.87
ZN ZN B . 0.82 -0.49 1.81
N GLY A 1 -29.04 7.04 -2.84
CA GLY A 1 -27.76 6.68 -3.43
C GLY A 1 -27.38 7.58 -4.59
N SER A 2 -26.43 8.48 -4.34
CA SER A 2 -25.97 9.41 -5.37
C SER A 2 -24.47 9.28 -5.60
N SER A 3 -23.72 9.31 -4.50
CA SER A 3 -22.27 9.20 -4.57
C SER A 3 -21.84 7.77 -4.84
N GLY A 4 -20.69 7.61 -5.48
CA GLY A 4 -20.18 6.28 -5.78
C GLY A 4 -19.43 6.23 -7.09
N SER A 5 -18.65 7.26 -7.36
CA SER A 5 -17.87 7.34 -8.60
C SER A 5 -16.39 7.52 -8.30
N SER A 6 -15.65 6.42 -8.34
CA SER A 6 -14.21 6.46 -8.07
C SER A 6 -13.52 5.23 -8.64
N GLY A 7 -12.23 5.37 -8.95
CA GLY A 7 -11.47 4.26 -9.50
C GLY A 7 -11.34 4.35 -11.00
N THR A 8 -11.11 5.56 -11.51
CA THR A 8 -10.97 5.77 -12.94
C THR A 8 -9.90 4.87 -13.53
N GLY A 9 -8.70 4.92 -12.94
CA GLY A 9 -7.61 4.09 -13.42
C GLY A 9 -7.01 3.22 -12.33
N GLU A 10 -6.01 2.43 -12.68
CA GLU A 10 -5.35 1.55 -11.72
C GLU A 10 -3.91 1.28 -12.13
N LYS A 11 -3.06 1.05 -11.13
CA LYS A 11 -1.65 0.79 -11.37
C LYS A 11 -1.38 -0.71 -11.44
N PRO A 12 -0.33 -1.10 -12.19
CA PRO A 12 0.05 -2.51 -12.35
C PRO A 12 0.62 -3.11 -11.07
N HIS A 13 0.59 -2.32 -9.99
CA HIS A 13 1.11 -2.78 -8.71
C HIS A 13 0.35 -2.11 -7.55
N GLU A 14 -0.53 -2.87 -6.91
CA GLU A 14 -1.32 -2.36 -5.80
C GLU A 14 -0.88 -3.00 -4.48
N CYS A 15 -0.98 -2.24 -3.40
CA CYS A 15 -0.60 -2.72 -2.08
C CYS A 15 -1.80 -3.30 -1.34
N ARG A 16 -1.80 -4.62 -1.15
CA ARG A 16 -2.89 -5.29 -0.46
C ARG A 16 -2.83 -5.02 1.04
N GLU A 17 -1.76 -4.38 1.48
CA GLU A 17 -1.59 -4.05 2.89
C GLU A 17 -2.45 -2.84 3.28
N CYS A 18 -2.40 -1.80 2.46
CA CYS A 18 -3.16 -0.59 2.73
C CYS A 18 -4.09 -0.28 1.56
N GLY A 19 -3.56 -0.38 0.34
CA GLY A 19 -4.36 -0.11 -0.84
C GLY A 19 -3.68 0.87 -1.79
N LYS A 20 -2.40 1.14 -1.53
CA LYS A 20 -1.63 2.06 -2.37
C LYS A 20 -1.44 1.50 -3.77
N SER A 21 -0.92 2.32 -4.67
CA SER A 21 -0.68 1.90 -6.04
C SER A 21 0.60 2.54 -6.59
N PHE A 22 1.41 1.72 -7.25
CA PHE A 22 2.67 2.20 -7.82
C PHE A 22 2.79 1.77 -9.28
N SER A 23 3.04 2.74 -10.15
CA SER A 23 3.18 2.47 -11.59
C SER A 23 4.29 1.46 -11.83
N PHE A 24 5.23 1.39 -10.89
CA PHE A 24 6.36 0.47 -11.01
C PHE A 24 6.42 -0.48 -9.82
N ASN A 25 6.91 -1.70 -10.06
CA ASN A 25 7.01 -2.70 -9.01
C ASN A 25 8.02 -2.28 -7.95
N SER A 26 9.27 -2.10 -8.37
CA SER A 26 10.33 -1.70 -7.46
C SER A 26 9.80 -0.76 -6.39
N GLN A 27 8.89 0.13 -6.78
CA GLN A 27 8.31 1.09 -5.85
C GLN A 27 7.47 0.37 -4.80
N LEU A 28 6.40 -0.27 -5.23
CA LEU A 28 5.51 -0.99 -4.33
C LEU A 28 6.31 -1.84 -3.34
N ILE A 29 7.46 -2.33 -3.79
CA ILE A 29 8.32 -3.15 -2.95
C ILE A 29 8.96 -2.32 -1.84
N VAL A 30 9.37 -1.10 -2.18
CA VAL A 30 9.99 -0.20 -1.21
C VAL A 30 8.97 0.29 -0.19
N HIS A 31 7.70 0.30 -0.58
CA HIS A 31 6.63 0.74 0.31
C HIS A 31 6.19 -0.38 1.23
N GLN A 32 5.95 -1.55 0.66
CA GLN A 32 5.52 -2.71 1.43
C GLN A 32 6.45 -2.95 2.63
N ARG A 33 7.68 -2.46 2.51
CA ARG A 33 8.66 -2.61 3.58
C ARG A 33 8.22 -1.88 4.84
N ILE A 34 7.12 -1.13 4.73
CA ILE A 34 6.59 -0.38 5.86
C ILE A 34 5.62 -1.22 6.68
N HIS A 35 4.95 -2.16 6.01
CA HIS A 35 3.99 -3.04 6.68
C HIS A 35 4.71 -4.19 7.39
N THR A 36 5.45 -4.97 6.62
CA THR A 36 6.18 -6.11 7.17
C THR A 36 6.96 -5.71 8.43
N GLY A 37 7.47 -4.48 8.43
CA GLY A 37 8.22 -3.99 9.57
C GLY A 37 7.34 -3.37 10.63
N GLU A 38 6.27 -4.08 11.00
CA GLU A 38 5.33 -3.59 12.00
C GLU A 38 5.69 -4.13 13.38
N ASN A 39 4.90 -3.75 14.38
CA ASN A 39 5.14 -4.18 15.75
C ASN A 39 4.26 -5.39 16.08
N PRO A 40 4.67 -6.16 17.10
CA PRO A 40 3.94 -7.35 17.55
C PRO A 40 2.63 -7.00 18.23
N SER A 41 1.83 -8.02 18.54
CA SER A 41 0.55 -7.81 19.19
C SER A 41 0.72 -7.54 20.68
N GLY A 42 1.60 -6.58 21.00
CA GLY A 42 1.85 -6.24 22.38
C GLY A 42 1.78 -4.74 22.63
N PRO A 43 2.86 -4.03 22.26
CA PRO A 43 2.95 -2.58 22.43
C PRO A 43 2.02 -1.82 21.49
N SER A 44 2.07 -2.18 20.21
CA SER A 44 1.23 -1.54 19.20
C SER A 44 -0.23 -1.90 19.41
N SER A 45 -1.10 -0.89 19.27
CA SER A 45 -2.52 -1.09 19.44
C SER A 45 -3.15 -1.73 18.20
N GLY A 46 -3.01 -1.06 17.06
CA GLY A 46 -3.55 -1.57 15.82
C GLY A 46 -5.06 -1.41 15.74
ZN ZN B . 0.76 -0.43 1.81
N GLY A 1 3.90 26.15 -4.02
CA GLY A 1 3.73 25.15 -2.98
C GLY A 1 3.85 23.74 -3.53
N SER A 2 3.56 22.75 -2.68
CA SER A 2 3.64 21.36 -3.08
C SER A 2 2.48 20.56 -2.50
N SER A 3 1.64 20.02 -3.39
CA SER A 3 0.49 19.23 -2.97
C SER A 3 0.59 17.79 -3.49
N GLY A 4 0.74 17.67 -4.80
CA GLY A 4 0.85 16.35 -5.41
C GLY A 4 0.32 16.33 -6.83
N SER A 5 0.64 15.26 -7.55
CA SER A 5 0.20 15.12 -8.94
C SER A 5 -0.48 13.77 -9.15
N SER A 6 -1.77 13.71 -8.84
CA SER A 6 -2.54 12.49 -8.99
C SER A 6 -2.50 12.00 -10.44
N GLY A 7 -2.56 10.69 -10.61
CA GLY A 7 -2.53 10.11 -11.95
C GLY A 7 -3.85 9.46 -12.33
N THR A 8 -4.00 9.14 -13.61
CA THR A 8 -5.21 8.50 -14.11
C THR A 8 -5.04 7.00 -14.22
N GLY A 9 -6.11 6.26 -13.93
CA GLY A 9 -6.05 4.81 -14.01
C GLY A 9 -5.16 4.20 -12.95
N GLU A 10 -5.69 3.26 -12.18
CA GLU A 10 -4.93 2.60 -11.13
C GLU A 10 -3.58 2.10 -11.67
N LYS A 11 -2.72 1.67 -10.76
CA LYS A 11 -1.41 1.16 -11.14
C LYS A 11 -1.40 -0.37 -11.19
N PRO A 12 -0.51 -0.93 -12.01
CA PRO A 12 -0.39 -2.39 -12.18
C PRO A 12 0.19 -3.06 -10.93
N HIS A 13 0.47 -2.26 -9.91
CA HIS A 13 1.02 -2.78 -8.66
C HIS A 13 0.31 -2.17 -7.46
N GLU A 14 -0.72 -2.86 -6.96
CA GLU A 14 -1.48 -2.38 -5.82
C GLU A 14 -0.97 -3.02 -4.53
N CYS A 15 -0.97 -2.25 -3.45
CA CYS A 15 -0.52 -2.74 -2.16
C CYS A 15 -1.67 -3.41 -1.40
N ARG A 16 -1.65 -4.74 -1.36
CA ARG A 16 -2.68 -5.49 -0.67
C ARG A 16 -2.68 -5.20 0.83
N GLU A 17 -1.59 -4.60 1.29
CA GLU A 17 -1.46 -4.25 2.71
C GLU A 17 -2.41 -3.12 3.09
N CYS A 18 -2.36 -2.03 2.32
CA CYS A 18 -3.22 -0.88 2.57
C CYS A 18 -4.15 -0.63 1.39
N GLY A 19 -3.62 -0.78 0.17
CA GLY A 19 -4.42 -0.56 -1.02
C GLY A 19 -3.74 0.38 -1.99
N LYS A 20 -2.60 0.94 -1.59
CA LYS A 20 -1.86 1.87 -2.44
C LYS A 20 -1.65 1.27 -3.83
N SER A 21 -0.94 2.01 -4.68
CA SER A 21 -0.66 1.56 -6.03
C SER A 21 0.59 2.24 -6.59
N PHE A 22 1.38 1.50 -7.35
CA PHE A 22 2.60 2.03 -7.96
C PHE A 22 2.72 1.60 -9.41
N SER A 23 3.19 2.52 -10.25
CA SER A 23 3.36 2.23 -11.67
C SER A 23 4.44 1.18 -11.89
N PHE A 24 5.43 1.14 -10.99
CA PHE A 24 6.52 0.18 -11.09
C PHE A 24 6.57 -0.70 -9.85
N ASN A 25 6.89 -1.98 -10.05
CA ASN A 25 6.98 -2.92 -8.95
C ASN A 25 7.97 -2.45 -7.89
N SER A 26 9.22 -2.25 -8.31
CA SER A 26 10.27 -1.80 -7.40
C SER A 26 9.69 -0.85 -6.35
N GLN A 27 8.85 0.07 -6.79
CA GLN A 27 8.24 1.04 -5.89
C GLN A 27 7.39 0.34 -4.83
N LEU A 28 6.34 -0.34 -5.27
CA LEU A 28 5.45 -1.05 -4.35
C LEU A 28 6.25 -1.86 -3.34
N ILE A 29 7.40 -2.36 -3.77
CA ILE A 29 8.27 -3.15 -2.90
C ILE A 29 8.89 -2.28 -1.80
N VAL A 30 9.37 -1.11 -2.19
CA VAL A 30 9.97 -0.18 -1.23
C VAL A 30 8.95 0.36 -0.25
N HIS A 31 7.69 0.38 -0.66
CA HIS A 31 6.61 0.87 0.18
C HIS A 31 6.17 -0.22 1.17
N GLN A 32 5.93 -1.41 0.66
CA GLN A 32 5.50 -2.53 1.50
C GLN A 32 6.43 -2.70 2.70
N ARG A 33 7.66 -2.24 2.54
CA ARG A 33 8.66 -2.35 3.61
C ARG A 33 8.21 -1.56 4.85
N ILE A 34 7.13 -0.81 4.70
CA ILE A 34 6.60 -0.02 5.80
C ILE A 34 5.65 -0.84 6.67
N HIS A 35 4.97 -1.80 6.05
CA HIS A 35 4.04 -2.66 6.76
C HIS A 35 4.79 -3.70 7.60
N THR A 36 5.67 -4.45 6.95
CA THR A 36 6.45 -5.47 7.63
C THR A 36 7.63 -4.87 8.36
N GLY A 37 7.40 -3.76 9.05
CA GLY A 37 8.46 -3.11 9.79
C GLY A 37 7.96 -2.45 11.06
N GLU A 38 6.80 -1.79 10.98
CA GLU A 38 6.22 -1.12 12.14
C GLU A 38 5.78 -2.14 13.19
N ASN A 39 6.28 -1.97 14.41
CA ASN A 39 5.94 -2.87 15.50
C ASN A 39 4.46 -2.77 15.85
N PRO A 40 3.86 -3.92 16.20
CA PRO A 40 2.44 -3.98 16.57
C PRO A 40 2.15 -3.31 17.90
N SER A 41 0.87 -3.21 18.25
CA SER A 41 0.46 -2.58 19.50
C SER A 41 1.24 -3.15 20.67
N GLY A 42 1.68 -4.40 20.54
CA GLY A 42 2.44 -5.05 21.60
C GLY A 42 3.01 -6.39 21.17
N PRO A 43 4.24 -6.37 20.64
CA PRO A 43 4.92 -7.58 20.18
C PRO A 43 5.34 -8.48 21.34
N SER A 44 5.27 -7.95 22.55
CA SER A 44 5.63 -8.71 23.74
C SER A 44 4.42 -9.45 24.31
N SER A 45 4.05 -10.55 23.67
CA SER A 45 2.91 -11.34 24.11
C SER A 45 2.89 -12.70 23.39
N GLY A 46 2.34 -13.70 24.06
CA GLY A 46 2.26 -15.03 23.48
C GLY A 46 0.92 -15.29 22.82
ZN ZN B . 0.80 -0.46 1.69
N GLY A 1 -20.46 0.32 6.71
CA GLY A 1 -20.86 1.28 5.70
C GLY A 1 -19.77 1.56 4.70
N SER A 2 -20.09 2.36 3.68
CA SER A 2 -19.12 2.70 2.65
C SER A 2 -17.72 2.85 3.23
N SER A 3 -16.81 1.99 2.81
CA SER A 3 -15.44 2.01 3.29
C SER A 3 -14.49 2.50 2.21
N GLY A 4 -14.92 3.53 1.47
CA GLY A 4 -14.09 4.08 0.41
C GLY A 4 -14.86 4.25 -0.88
N SER A 5 -14.15 4.61 -1.94
CA SER A 5 -14.77 4.81 -3.25
C SER A 5 -14.25 3.81 -4.26
N SER A 6 -14.88 3.78 -5.44
CA SER A 6 -14.48 2.85 -6.50
C SER A 6 -13.75 3.60 -7.61
N GLY A 7 -12.85 2.89 -8.29
CA GLY A 7 -12.09 3.49 -9.37
C GLY A 7 -10.88 4.27 -8.86
N THR A 8 -10.11 3.64 -7.98
CA THR A 8 -8.92 4.28 -7.42
C THR A 8 -7.73 3.34 -7.45
N GLY A 9 -6.54 3.90 -7.66
CA GLY A 9 -5.33 3.09 -7.71
C GLY A 9 -5.21 2.29 -8.99
N GLU A 10 -5.12 3.00 -10.12
CA GLU A 10 -5.00 2.35 -11.41
C GLU A 10 -3.53 2.15 -11.79
N LYS A 11 -2.90 1.16 -11.17
CA LYS A 11 -1.50 0.86 -11.43
C LYS A 11 -1.28 -0.66 -11.51
N PRO A 12 -0.25 -1.06 -12.26
CA PRO A 12 0.10 -2.47 -12.43
C PRO A 12 0.67 -3.09 -11.15
N HIS A 13 0.65 -2.32 -10.08
CA HIS A 13 1.16 -2.79 -8.80
C HIS A 13 0.39 -2.16 -7.63
N GLU A 14 -0.48 -2.95 -7.02
CA GLU A 14 -1.29 -2.47 -5.90
C GLU A 14 -0.83 -3.12 -4.58
N CYS A 15 -0.98 -2.37 -3.49
CA CYS A 15 -0.58 -2.86 -2.18
C CYS A 15 -1.77 -3.47 -1.44
N ARG A 16 -1.71 -4.79 -1.22
CA ARG A 16 -2.78 -5.49 -0.54
C ARG A 16 -2.77 -5.18 0.96
N GLU A 17 -1.69 -4.53 1.41
CA GLU A 17 -1.55 -4.18 2.83
C GLU A 17 -2.46 -3.01 3.18
N CYS A 18 -2.36 -1.93 2.41
CA CYS A 18 -3.17 -0.74 2.65
C CYS A 18 -4.09 -0.47 1.46
N GLY A 19 -3.56 -0.60 0.25
CA GLY A 19 -4.35 -0.38 -0.94
C GLY A 19 -3.72 0.65 -1.87
N LYS A 20 -2.44 0.93 -1.65
CA LYS A 20 -1.71 1.89 -2.47
C LYS A 20 -1.50 1.34 -3.88
N SER A 21 -0.99 2.19 -4.77
CA SER A 21 -0.74 1.79 -6.15
C SER A 21 0.54 2.43 -6.67
N PHE A 22 1.34 1.65 -7.38
CA PHE A 22 2.60 2.13 -7.94
C PHE A 22 2.74 1.73 -9.40
N SER A 23 3.07 2.69 -10.25
CA SER A 23 3.24 2.45 -11.68
C SER A 23 4.28 1.34 -11.91
N PHE A 24 5.23 1.23 -11.01
CA PHE A 24 6.29 0.22 -11.12
C PHE A 24 6.30 -0.68 -9.88
N ASN A 25 6.78 -1.90 -10.06
CA ASN A 25 6.86 -2.87 -8.96
C ASN A 25 7.88 -2.43 -7.92
N SER A 26 9.13 -2.30 -8.36
CA SER A 26 10.21 -1.89 -7.47
C SER A 26 9.70 -0.90 -6.42
N GLN A 27 8.81 -0.01 -6.83
CA GLN A 27 8.25 0.99 -5.92
C GLN A 27 7.40 0.32 -4.84
N LEU A 28 6.31 -0.30 -5.26
CA LEU A 28 5.42 -0.98 -4.32
C LEU A 28 6.21 -1.81 -3.31
N ILE A 29 7.35 -2.32 -3.75
CA ILE A 29 8.20 -3.12 -2.88
C ILE A 29 8.84 -2.28 -1.80
N VAL A 30 9.31 -1.09 -2.17
CA VAL A 30 9.94 -0.18 -1.23
C VAL A 30 8.94 0.35 -0.22
N HIS A 31 7.67 0.39 -0.63
CA HIS A 31 6.60 0.88 0.25
C HIS A 31 6.15 -0.21 1.21
N GLN A 32 5.89 -1.40 0.68
CA GLN A 32 5.45 -2.52 1.50
C GLN A 32 6.38 -2.72 2.70
N ARG A 33 7.62 -2.27 2.55
CA ARG A 33 8.60 -2.41 3.62
C ARG A 33 8.17 -1.63 4.87
N ILE A 34 7.10 -0.87 4.73
CA ILE A 34 6.57 -0.08 5.84
C ILE A 34 5.60 -0.90 6.70
N HIS A 35 4.98 -1.90 6.07
CA HIS A 35 4.04 -2.76 6.78
C HIS A 35 4.77 -3.84 7.57
N THR A 36 5.90 -4.29 7.03
CA THR A 36 6.69 -5.33 7.69
C THR A 36 7.80 -4.71 8.53
N GLY A 37 7.41 -3.89 9.50
CA GLY A 37 8.38 -3.25 10.37
C GLY A 37 7.84 -1.99 11.02
N GLU A 38 6.55 -1.98 11.30
CA GLU A 38 5.91 -0.82 11.92
C GLU A 38 4.83 -1.27 12.91
N ASN A 39 5.00 -0.89 14.17
CA ASN A 39 4.04 -1.25 15.21
C ASN A 39 2.86 -0.28 15.22
N PRO A 40 1.64 -0.83 15.26
CA PRO A 40 0.41 -0.04 15.28
C PRO A 40 0.23 0.71 16.59
N SER A 41 0.41 0.00 17.69
CA SER A 41 0.25 0.60 19.02
C SER A 41 1.42 0.21 19.93
N GLY A 42 1.59 -1.08 20.15
CA GLY A 42 2.67 -1.57 21.00
C GLY A 42 3.52 -2.61 20.31
N PRO A 43 2.98 -3.83 20.19
CA PRO A 43 3.69 -4.95 19.56
C PRO A 43 3.84 -4.76 18.06
N SER A 44 4.68 -5.59 17.45
CA SER A 44 4.91 -5.51 16.00
C SER A 44 3.99 -6.47 15.25
N SER A 45 4.00 -6.37 13.93
CA SER A 45 3.16 -7.22 13.09
C SER A 45 3.89 -8.50 12.71
N GLY A 46 5.05 -8.34 12.06
CA GLY A 46 5.83 -9.49 11.65
C GLY A 46 7.31 -9.32 11.97
ZN ZN B . 0.82 -0.48 1.71
N GLY A 1 -27.99 0.11 6.71
CA GLY A 1 -27.30 1.19 6.04
C GLY A 1 -25.97 0.76 5.45
N SER A 2 -26.01 0.15 4.27
CA SER A 2 -24.80 -0.32 3.61
C SER A 2 -24.60 0.40 2.27
N SER A 3 -23.48 0.13 1.63
CA SER A 3 -23.16 0.75 0.35
C SER A 3 -21.96 0.07 -0.30
N GLY A 4 -21.81 0.28 -1.61
CA GLY A 4 -20.69 -0.32 -2.33
C GLY A 4 -19.80 0.72 -2.97
N SER A 5 -19.02 1.42 -2.15
CA SER A 5 -18.13 2.46 -2.64
C SER A 5 -17.11 1.87 -3.62
N SER A 6 -16.36 2.75 -4.29
CA SER A 6 -15.36 2.31 -5.26
C SER A 6 -14.36 3.43 -5.53
N GLY A 7 -13.09 3.06 -5.63
CA GLY A 7 -12.05 4.04 -5.89
C GLY A 7 -10.69 3.57 -5.44
N THR A 8 -9.94 2.94 -6.33
CA THR A 8 -8.61 2.44 -6.01
C THR A 8 -7.59 2.88 -7.06
N GLY A 9 -6.34 3.03 -6.64
CA GLY A 9 -5.29 3.44 -7.55
C GLY A 9 -5.42 2.78 -8.92
N GLU A 10 -4.77 3.36 -9.91
CA GLU A 10 -4.81 2.83 -11.27
C GLU A 10 -3.42 2.43 -11.75
N LYS A 11 -2.74 1.64 -10.95
CA LYS A 11 -1.39 1.17 -11.28
C LYS A 11 -1.34 -0.34 -11.40
N PRO A 12 -0.39 -0.85 -12.20
CA PRO A 12 -0.22 -2.29 -12.42
C PRO A 12 0.31 -3.01 -11.18
N HIS A 13 0.43 -2.26 -10.09
CA HIS A 13 0.93 -2.83 -8.83
C HIS A 13 0.21 -2.19 -7.64
N GLU A 14 -0.70 -2.94 -7.03
CA GLU A 14 -1.45 -2.46 -5.88
C GLU A 14 -0.94 -3.08 -4.59
N CYS A 15 -0.97 -2.32 -3.51
CA CYS A 15 -0.50 -2.80 -2.22
C CYS A 15 -1.63 -3.52 -1.47
N ARG A 16 -1.45 -4.82 -1.26
CA ARG A 16 -2.44 -5.61 -0.56
C ARG A 16 -2.49 -5.27 0.92
N GLU A 17 -1.44 -4.60 1.39
CA GLU A 17 -1.36 -4.20 2.79
C GLU A 17 -2.37 -3.09 3.11
N CYS A 18 -2.29 -2.01 2.35
CA CYS A 18 -3.19 -0.88 2.54
C CYS A 18 -4.12 -0.71 1.34
N GLY A 19 -3.57 -0.89 0.14
CA GLY A 19 -4.37 -0.75 -1.06
C GLY A 19 -3.76 0.22 -2.05
N LYS A 20 -2.65 0.85 -1.65
CA LYS A 20 -1.97 1.81 -2.52
C LYS A 20 -1.70 1.21 -3.89
N SER A 21 -1.02 1.98 -4.74
CA SER A 21 -0.70 1.52 -6.09
C SER A 21 0.55 2.22 -6.61
N PHE A 22 1.34 1.50 -7.41
CA PHE A 22 2.57 2.04 -7.97
C PHE A 22 2.71 1.66 -9.44
N SER A 23 3.24 2.58 -10.24
CA SER A 23 3.42 2.34 -11.67
C SER A 23 4.42 1.20 -11.91
N PHE A 24 5.40 1.10 -11.01
CA PHE A 24 6.42 0.06 -11.12
C PHE A 24 6.46 -0.79 -9.86
N ASN A 25 6.75 -2.08 -10.03
CA ASN A 25 6.82 -3.00 -8.91
C ASN A 25 7.85 -2.54 -7.88
N SER A 26 9.09 -2.39 -8.32
CA SER A 26 10.17 -1.95 -7.45
C SER A 26 9.65 -0.96 -6.41
N GLN A 27 8.78 -0.06 -6.86
CA GLN A 27 8.21 0.95 -5.97
C GLN A 27 7.38 0.31 -4.87
N LEU A 28 6.31 -0.36 -5.27
CA LEU A 28 5.42 -1.03 -4.32
C LEU A 28 6.23 -1.84 -3.31
N ILE A 29 7.37 -2.36 -3.74
CA ILE A 29 8.23 -3.15 -2.88
C ILE A 29 8.88 -2.29 -1.81
N VAL A 30 9.28 -1.08 -2.19
CA VAL A 30 9.91 -0.15 -1.26
C VAL A 30 8.90 0.41 -0.27
N HIS A 31 7.62 0.41 -0.66
CA HIS A 31 6.56 0.91 0.21
C HIS A 31 6.11 -0.15 1.20
N GLN A 32 5.86 -1.36 0.69
CA GLN A 32 5.43 -2.46 1.55
C GLN A 32 6.36 -2.63 2.74
N ARG A 33 7.60 -2.17 2.58
CA ARG A 33 8.58 -2.27 3.65
C ARG A 33 8.16 -1.47 4.88
N ILE A 34 7.07 -0.72 4.73
CA ILE A 34 6.56 0.09 5.83
C ILE A 34 5.60 -0.70 6.70
N HIS A 35 4.89 -1.65 6.09
CA HIS A 35 3.94 -2.49 6.80
C HIS A 35 4.67 -3.52 7.65
N THR A 36 5.70 -4.13 7.09
CA THR A 36 6.48 -5.14 7.79
C THR A 36 7.67 -4.53 8.50
N GLY A 37 7.48 -3.33 9.06
CA GLY A 37 8.55 -2.65 9.76
C GLY A 37 8.06 -1.45 10.53
N GLU A 38 6.86 -1.54 11.08
CA GLU A 38 6.28 -0.44 11.85
C GLU A 38 5.30 -0.96 12.89
N ASN A 39 5.33 -0.38 14.09
CA ASN A 39 4.44 -0.78 15.17
C ASN A 39 3.36 0.27 15.40
N PRO A 40 2.31 0.24 14.56
CA PRO A 40 1.20 1.18 14.67
C PRO A 40 0.34 0.94 15.91
N SER A 41 0.76 -0.02 16.72
CA SER A 41 0.03 -0.35 17.95
C SER A 41 -1.25 -1.12 17.63
N GLY A 42 -1.14 -2.11 16.75
CA GLY A 42 -2.28 -2.90 16.37
C GLY A 42 -2.91 -2.44 15.07
N PRO A 43 -2.35 -2.91 13.95
CA PRO A 43 -2.84 -2.55 12.61
C PRO A 43 -4.20 -3.17 12.30
N SER A 44 -5.14 -2.33 11.88
CA SER A 44 -6.49 -2.80 11.54
C SER A 44 -6.47 -3.66 10.28
N SER A 45 -5.82 -3.15 9.25
CA SER A 45 -5.74 -3.88 7.98
C SER A 45 -4.81 -5.08 8.10
N GLY A 46 -5.37 -6.21 8.53
CA GLY A 46 -4.59 -7.42 8.68
C GLY A 46 -3.93 -7.85 7.38
ZN ZN B . 0.83 -0.42 1.67
#